data_3ND5
#
_entry.id   3ND5
#
_cell.length_a   110.198
_cell.length_b   125.683
_cell.length_c   125.821
_cell.angle_alpha   90.00
_cell.angle_beta   90.00
_cell.angle_gamma   90.00
#
_symmetry.space_group_name_H-M   'P 21 21 21'
#
loop_
_entity.id
_entity.type
_entity.pdbx_description
1 polymer 'Phosphopantetheine adenylyltransferase'
2 water water
#
_entity_poly.entity_id   1
_entity_poly.type   'polypeptide(L)'
_entity_poly.pdbx_seq_one_letter_code
;MRKIALFPGSFDPMTNGHLNLIERSAKLFDEVIIGVFINTSKQTLFTPEEKKYLIEEATKEMPNVRVIMQETQLTVESAK
SLGANFLIRGIRNVKDYEYEKDIAKMNQHLAPEIETVFLLAEEPYAHVSSSLLKEVLRFGGDVSDYLPPNIYHALKQKKN
DWSLEHHHHHH
;
_entity_poly.pdbx_strand_id   A,B,C,D,E,F
#
# COMPACT_ATOMS: atom_id res chain seq x y z
N MET A 1 -16.94 -27.56 -9.65
CA MET A 1 -17.97 -27.51 -8.52
C MET A 1 -19.21 -26.83 -9.02
N ARG A 2 -20.36 -27.22 -8.46
CA ARG A 2 -21.61 -26.49 -8.65
C ARG A 2 -21.52 -24.98 -8.37
N LYS A 3 -22.01 -24.18 -9.30
CA LYS A 3 -21.79 -22.73 -9.27
C LYS A 3 -22.75 -22.02 -8.33
N ILE A 4 -22.59 -22.33 -7.04
CA ILE A 4 -23.38 -21.75 -5.91
C ILE A 4 -22.45 -20.99 -4.94
N ALA A 5 -22.77 -19.72 -4.77
CA ALA A 5 -21.92 -18.75 -4.06
C ALA A 5 -22.71 -18.08 -2.96
N LEU A 6 -22.05 -17.91 -1.82
CA LEU A 6 -22.50 -17.06 -0.70
C LEU A 6 -21.79 -15.65 -0.77
N PHE A 7 -22.59 -14.58 -0.85
CA PHE A 7 -22.19 -13.20 -0.65
C PHE A 7 -22.58 -12.83 0.81
N PRO A 8 -21.63 -13.00 1.76
CA PRO A 8 -21.87 -12.68 3.18
C PRO A 8 -21.80 -11.14 3.52
N GLY A 9 -22.43 -10.74 4.63
CA GLY A 9 -22.51 -9.30 4.91
C GLY A 9 -23.50 -9.02 6.03
N SER A 10 -23.41 -7.82 6.60
CA SER A 10 -24.37 -7.43 7.63
C SER A 10 -25.37 -6.56 6.99
N PHE A 11 -25.02 -6.04 5.80
CA PHE A 11 -25.91 -5.22 5.00
C PHE A 11 -26.71 -4.24 5.86
N ASP A 12 -25.98 -3.28 6.45
CA ASP A 12 -26.56 -2.34 7.41
C ASP A 12 -26.00 -0.91 7.27
N PRO A 13 -26.38 -0.20 6.21
CA PRO A 13 -27.35 -0.53 5.17
C PRO A 13 -26.71 -1.31 4.00
N MET A 14 -27.54 -1.96 3.18
CA MET A 14 -27.10 -2.40 1.87
C MET A 14 -27.00 -1.19 0.94
N THR A 15 -25.90 -1.18 0.18
CA THR A 15 -25.57 -0.05 -0.67
C THR A 15 -25.77 -0.43 -2.13
N ASN A 16 -25.67 0.55 -3.02
CA ASN A 16 -25.58 0.31 -4.44
C ASN A 16 -24.26 -0.39 -4.89
N GLY A 17 -23.19 -0.27 -4.10
CA GLY A 17 -21.97 -1.07 -4.31
C GLY A 17 -22.18 -2.54 -4.12
N HIS A 18 -22.78 -2.94 -3.01
CA HIS A 18 -23.32 -4.29 -2.78
C HIS A 18 -24.23 -4.84 -3.90
N LEU A 19 -25.26 -4.07 -4.34
CA LEU A 19 -26.09 -4.43 -5.48
C LEU A 19 -25.31 -4.67 -6.72
N ASN A 20 -24.41 -3.73 -7.01
CA ASN A 20 -23.52 -3.81 -8.15
C ASN A 20 -22.75 -5.14 -8.16
N LEU A 21 -22.18 -5.55 -7.07
CA LEU A 21 -21.38 -6.81 -7.01
C LEU A 21 -22.32 -8.01 -7.17
N ILE A 22 -23.53 -7.91 -6.61
CA ILE A 22 -24.58 -8.96 -6.73
C ILE A 22 -25.01 -9.13 -8.20
N GLU A 23 -25.26 -8.02 -8.90
CA GLU A 23 -25.59 -8.08 -10.30
C GLU A 23 -24.50 -8.77 -11.08
N ARG A 24 -23.25 -8.46 -10.77
CA ARG A 24 -22.13 -8.97 -11.52
C ARG A 24 -21.94 -10.42 -11.26
N SER A 25 -22.08 -10.81 -10.00
CA SER A 25 -22.10 -12.19 -9.56
C SER A 25 -23.21 -13.09 -10.17
N ALA A 26 -24.34 -12.50 -10.45
CA ALA A 26 -25.53 -13.28 -10.88
C ALA A 26 -25.28 -13.64 -12.31
N LYS A 27 -24.37 -12.94 -13.00
CA LYS A 27 -23.96 -13.34 -14.38
C LYS A 27 -23.03 -14.50 -14.39
N LEU A 28 -22.36 -14.76 -13.25
CA LEU A 28 -21.39 -15.83 -13.22
C LEU A 28 -21.87 -17.16 -12.55
N PHE A 29 -22.74 -17.04 -11.53
CA PHE A 29 -23.11 -18.17 -10.74
C PHE A 29 -24.52 -18.59 -11.11
N ASP A 30 -24.81 -19.87 -10.96
CA ASP A 30 -26.18 -20.40 -11.15
C ASP A 30 -27.05 -19.89 -9.99
N GLU A 31 -26.47 -19.72 -8.80
CA GLU A 31 -27.23 -19.28 -7.61
C GLU A 31 -26.28 -18.40 -6.76
N VAL A 32 -26.76 -17.22 -6.43
CA VAL A 32 -26.06 -16.34 -5.54
C VAL A 32 -26.93 -16.20 -4.30
N ILE A 33 -26.41 -16.66 -3.14
CA ILE A 33 -27.09 -16.45 -1.91
C ILE A 33 -26.58 -15.17 -1.22
N ILE A 34 -27.46 -14.23 -0.87
CA ILE A 34 -27.12 -13.14 0.03
C ILE A 34 -27.30 -13.57 1.48
N GLY A 35 -26.19 -13.83 2.15
CA GLY A 35 -26.26 -14.32 3.51
C GLY A 35 -26.25 -13.13 4.46
N VAL A 36 -27.38 -12.81 5.06
CA VAL A 36 -27.48 -11.65 5.90
C VAL A 36 -27.25 -12.04 7.36
N PHE A 37 -26.06 -11.73 7.89
CA PHE A 37 -25.65 -12.14 9.23
C PHE A 37 -26.17 -11.15 10.27
N ILE A 38 -26.98 -11.67 11.18
CA ILE A 38 -27.76 -10.92 12.15
C ILE A 38 -27.07 -10.92 13.53
N LEU A 45 -31.98 0.12 14.22
CA LEU A 45 -32.14 -1.30 14.13
C LEU A 45 -33.44 -1.63 13.40
N PHE A 46 -33.26 -2.29 12.27
CA PHE A 46 -34.33 -2.92 11.55
C PHE A 46 -34.46 -4.32 12.07
N THR A 47 -35.63 -4.87 11.90
CA THR A 47 -35.91 -6.22 12.30
C THR A 47 -35.14 -7.10 11.35
N PRO A 48 -34.84 -8.31 11.75
CA PRO A 48 -34.22 -9.23 10.83
C PRO A 48 -35.24 -9.39 9.74
N GLU A 49 -36.48 -9.44 10.16
CA GLU A 49 -37.59 -9.54 9.24
C GLU A 49 -37.68 -8.35 8.28
N GLU A 50 -37.44 -7.16 8.79
CA GLU A 50 -37.36 -5.99 7.97
C GLU A 50 -36.21 -5.97 6.97
N LYS A 51 -35.06 -6.42 7.43
CA LYS A 51 -33.92 -6.46 6.58
C LYS A 51 -34.17 -7.39 5.45
N LYS A 52 -34.78 -8.52 5.75
CA LYS A 52 -35.02 -9.48 4.71
C LYS A 52 -35.93 -8.97 3.63
N TYR A 53 -36.98 -8.28 4.01
CA TYR A 53 -37.87 -7.73 3.02
C TYR A 53 -37.19 -6.69 2.17
N LEU A 54 -36.46 -5.82 2.84
CA LEU A 54 -35.69 -4.70 2.16
C LEU A 54 -34.72 -5.20 1.10
N ILE A 55 -33.90 -6.18 1.50
CA ILE A 55 -32.87 -6.77 0.61
C ILE A 55 -33.49 -7.57 -0.50
N GLU A 56 -34.57 -8.31 -0.16
CA GLU A 56 -35.42 -8.96 -1.19
C GLU A 56 -36.01 -7.98 -2.21
N GLU A 57 -36.62 -6.89 -1.76
CA GLU A 57 -37.09 -5.93 -2.74
C GLU A 57 -35.98 -5.30 -3.61
N ALA A 58 -34.79 -5.10 -3.05
CA ALA A 58 -33.65 -4.53 -3.82
C ALA A 58 -33.13 -5.51 -4.92
N THR A 59 -33.27 -6.80 -4.68
CA THR A 59 -32.64 -7.79 -5.57
C THR A 59 -33.63 -8.49 -6.51
N LYS A 60 -34.91 -8.11 -6.40
CA LYS A 60 -36.06 -8.81 -7.06
C LYS A 60 -35.94 -8.99 -8.58
N GLU A 61 -35.23 -8.07 -9.22
CA GLU A 61 -35.00 -8.12 -10.67
C GLU A 61 -34.09 -9.24 -11.13
N MET A 62 -33.49 -9.96 -10.18
CA MET A 62 -32.57 -11.04 -10.49
C MET A 62 -33.08 -12.40 -10.02
N PRO A 63 -33.21 -13.35 -10.95
CA PRO A 63 -33.92 -14.58 -10.60
C PRO A 63 -33.03 -15.63 -9.92
N ASN A 64 -31.70 -15.55 -10.13
CA ASN A 64 -30.80 -16.52 -9.54
C ASN A 64 -30.18 -15.97 -8.27
N VAL A 65 -30.83 -14.99 -7.67
CA VAL A 65 -30.45 -14.50 -6.37
C VAL A 65 -31.47 -14.80 -5.27
N ARG A 66 -31.00 -15.18 -4.10
CA ARG A 66 -31.87 -15.35 -2.97
C ARG A 66 -31.24 -14.95 -1.66
N VAL A 67 -32.08 -14.46 -0.76
CA VAL A 67 -31.66 -13.89 0.49
C VAL A 67 -31.95 -14.81 1.63
N ILE A 68 -30.93 -15.18 2.38
CA ILE A 68 -31.09 -15.95 3.59
C ILE A 68 -30.48 -15.29 4.84
N MET A 69 -31.31 -15.08 5.86
CA MET A 69 -30.84 -14.58 7.16
C MET A 69 -30.09 -15.70 7.85
N GLN A 70 -29.04 -15.37 8.57
CA GLN A 70 -28.17 -16.38 9.17
C GLN A 70 -27.76 -15.88 10.56
N GLU A 71 -27.83 -16.71 11.61
CA GLU A 71 -27.21 -16.28 12.88
C GLU A 71 -25.70 -16.18 12.65
N THR A 72 -25.06 -15.19 13.29
CA THR A 72 -23.64 -14.97 13.20
C THR A 72 -22.92 -16.22 13.60
N GLN A 73 -21.84 -16.52 12.88
CA GLN A 73 -21.12 -17.78 12.98
C GLN A 73 -20.00 -17.68 11.94
N LEU A 74 -19.14 -18.66 11.91
CA LEU A 74 -18.18 -18.79 10.85
C LEU A 74 -18.86 -18.86 9.48
N THR A 75 -18.48 -17.96 8.60
CA THR A 75 -18.93 -17.91 7.23
C THR A 75 -18.82 -19.22 6.46
N VAL A 76 -17.80 -20.03 6.75
CA VAL A 76 -17.58 -21.23 5.96
C VAL A 76 -18.54 -22.29 6.48
N GLU A 77 -19.03 -22.16 7.70
CA GLU A 77 -20.02 -23.06 8.25
C GLU A 77 -21.40 -22.72 7.70
N SER A 78 -21.69 -21.43 7.62
CA SER A 78 -22.86 -20.98 6.90
C SER A 78 -22.88 -21.48 5.45
N ALA A 79 -21.81 -21.25 4.68
CA ALA A 79 -21.69 -21.79 3.33
C ALA A 79 -21.92 -23.31 3.25
N LYS A 80 -21.26 -24.05 4.10
CA LYS A 80 -21.37 -25.49 4.08
C LYS A 80 -22.83 -25.99 4.35
N SER A 81 -23.53 -25.38 5.31
CA SER A 81 -24.97 -25.58 5.57
C SER A 81 -25.91 -25.30 4.42
N LEU A 82 -25.55 -24.26 3.62
CA LEU A 82 -26.39 -23.81 2.53
C LEU A 82 -25.98 -24.45 1.19
N GLY A 83 -24.93 -25.25 1.25
CA GLY A 83 -24.42 -25.85 0.03
C GLY A 83 -23.67 -24.93 -0.95
N ALA A 84 -23.05 -23.84 -0.45
CA ALA A 84 -22.34 -22.88 -1.36
C ALA A 84 -20.94 -23.38 -1.46
N ASN A 85 -20.42 -23.47 -2.68
CA ASN A 85 -19.01 -23.87 -2.87
C ASN A 85 -18.02 -22.68 -3.02
N PHE A 86 -18.58 -21.47 -3.17
CA PHE A 86 -17.77 -20.25 -3.44
C PHE A 86 -18.17 -19.19 -2.46
N LEU A 87 -17.24 -18.31 -2.12
CA LEU A 87 -17.55 -17.09 -1.41
C LEU A 87 -17.26 -15.92 -2.34
N ILE A 88 -18.16 -14.94 -2.43
CA ILE A 88 -17.95 -13.80 -3.31
C ILE A 88 -17.63 -12.62 -2.41
N ARG A 89 -16.52 -11.94 -2.64
CA ARG A 89 -16.25 -10.69 -1.89
C ARG A 89 -15.88 -9.58 -2.86
N GLY A 90 -16.00 -8.33 -2.41
CA GLY A 90 -15.54 -7.20 -3.19
C GLY A 90 -14.29 -6.58 -2.58
N ILE A 91 -13.46 -5.98 -3.42
CA ILE A 91 -12.27 -5.22 -2.92
C ILE A 91 -12.34 -3.79 -3.43
N ARG A 92 -12.31 -2.80 -2.52
CA ARG A 92 -12.46 -1.38 -3.00
C ARG A 92 -11.19 -0.54 -2.91
N ASN A 93 -10.19 -1.05 -2.19
CA ASN A 93 -8.93 -0.34 -1.95
C ASN A 93 -7.85 -1.24 -1.32
N VAL A 94 -6.65 -0.69 -1.12
CA VAL A 94 -5.56 -1.47 -0.58
C VAL A 94 -5.87 -2.01 0.83
N LYS A 95 -6.40 -1.20 1.71
CA LYS A 95 -6.76 -1.71 3.04
C LYS A 95 -7.80 -2.86 3.02
N ASP A 96 -8.77 -2.73 2.14
CA ASP A 96 -9.76 -3.77 1.89
C ASP A 96 -9.15 -5.01 1.27
N TYR A 97 -8.25 -4.80 0.32
CA TYR A 97 -7.50 -5.92 -0.19
C TYR A 97 -6.74 -6.70 0.90
N GLU A 98 -5.99 -6.05 1.79
CA GLU A 98 -5.22 -6.80 2.81
C GLU A 98 -6.09 -7.47 3.84
N TYR A 99 -7.22 -6.86 4.15
CA TYR A 99 -8.17 -7.42 5.10
C TYR A 99 -8.94 -8.69 4.58
N GLU A 100 -9.44 -8.62 3.35
CA GLU A 100 -10.11 -9.71 2.64
C GLU A 100 -9.13 -10.83 2.40
N LYS A 101 -7.91 -10.47 1.99
CA LYS A 101 -6.86 -11.47 1.89
C LYS A 101 -6.61 -12.32 3.15
N ASP A 102 -6.46 -11.67 4.30
CA ASP A 102 -6.39 -12.42 5.57
C ASP A 102 -7.64 -13.29 5.82
N ILE A 103 -8.83 -12.72 5.71
CA ILE A 103 -10.09 -13.55 5.85
C ILE A 103 -10.08 -14.75 4.86
N ALA A 104 -9.65 -14.53 3.61
CA ALA A 104 -9.68 -15.60 2.63
C ALA A 104 -8.75 -16.74 2.99
N LYS A 105 -7.53 -16.40 3.38
CA LYS A 105 -6.58 -17.41 3.87
C LYS A 105 -7.00 -18.18 5.12
N MET A 106 -7.55 -17.52 6.13
CA MET A 106 -8.16 -18.17 7.26
C MET A 106 -9.25 -19.10 6.77
N ASN A 107 -10.17 -18.63 5.90
CA ASN A 107 -11.27 -19.48 5.45
C ASN A 107 -10.76 -20.66 4.67
N GLN A 108 -9.63 -20.46 4.00
CA GLN A 108 -9.09 -21.51 3.23
C GLN A 108 -8.54 -22.61 4.12
N HIS A 109 -7.95 -22.21 5.23
CA HIS A 109 -7.59 -23.14 6.29
C HIS A 109 -8.78 -23.92 6.85
N LEU A 110 -9.85 -23.20 7.22
CA LEU A 110 -11.03 -23.83 7.85
C LEU A 110 -11.80 -24.74 6.89
N ALA A 111 -11.75 -24.45 5.60
CA ALA A 111 -12.65 -25.10 4.64
C ALA A 111 -12.01 -24.96 3.25
N PRO A 112 -11.02 -25.82 2.95
CA PRO A 112 -10.23 -25.67 1.75
C PRO A 112 -10.95 -26.03 0.47
N GLU A 113 -12.16 -26.53 0.57
CA GLU A 113 -12.89 -26.95 -0.58
C GLU A 113 -13.78 -25.80 -1.01
N ILE A 114 -13.85 -24.74 -0.21
CA ILE A 114 -14.59 -23.54 -0.53
C ILE A 114 -13.58 -22.49 -1.14
N GLU A 115 -13.93 -21.95 -2.29
CA GLU A 115 -13.10 -20.98 -2.98
C GLU A 115 -13.61 -19.57 -2.78
N THR A 116 -12.73 -18.62 -2.43
CA THR A 116 -13.11 -17.20 -2.34
C THR A 116 -12.82 -16.53 -3.67
N VAL A 117 -13.82 -15.81 -4.19
CA VAL A 117 -13.76 -15.23 -5.49
C VAL A 117 -13.90 -13.74 -5.27
N PHE A 118 -13.13 -12.94 -6.02
CA PHE A 118 -13.07 -11.46 -5.84
C PHE A 118 -13.49 -10.63 -7.03
N LEU A 119 -14.32 -9.65 -6.76
CA LEU A 119 -14.63 -8.58 -7.67
C LEU A 119 -14.16 -7.26 -7.11
N LEU A 120 -13.66 -6.42 -7.99
CA LEU A 120 -13.28 -5.04 -7.67
C LEU A 120 -14.42 -4.06 -7.74
N ALA A 121 -14.56 -3.20 -6.73
CA ALA A 121 -15.70 -2.23 -6.67
C ALA A 121 -15.72 -1.38 -7.92
N GLU A 122 -16.91 -1.04 -8.40
CA GLU A 122 -17.01 -0.12 -9.56
C GLU A 122 -16.68 1.25 -9.01
N GLU A 123 -15.94 2.05 -9.75
CA GLU A 123 -15.29 3.26 -9.16
C GLU A 123 -16.15 4.33 -8.49
N PRO A 124 -17.37 4.57 -9.02
CA PRO A 124 -18.45 5.32 -8.35
C PRO A 124 -18.68 4.95 -6.88
N TYR A 125 -18.51 3.68 -6.49
CA TYR A 125 -18.74 3.16 -5.14
C TYR A 125 -17.49 2.77 -4.34
N ALA A 126 -16.32 2.93 -4.95
CA ALA A 126 -15.01 2.56 -4.37
C ALA A 126 -14.72 3.22 -3.02
N HIS A 127 -15.24 4.41 -2.81
CA HIS A 127 -15.05 5.11 -1.56
C HIS A 127 -16.17 4.89 -0.53
N VAL A 128 -17.16 4.10 -0.88
CA VAL A 128 -18.36 4.00 -0.04
C VAL A 128 -18.16 2.78 0.88
N SER A 129 -18.21 3.02 2.17
CA SER A 129 -18.16 1.98 3.18
C SER A 129 -19.30 2.29 4.07
N SER A 130 -19.88 1.29 4.68
CA SER A 130 -21.04 1.44 5.52
C SER A 130 -20.67 2.33 6.69
N SER A 131 -19.50 2.21 7.25
CA SER A 131 -19.17 3.10 8.33
C SER A 131 -19.14 4.56 7.91
N LEU A 132 -18.57 4.88 6.76
CA LEU A 132 -18.60 6.25 6.27
C LEU A 132 -20.01 6.68 5.98
N LEU A 133 -20.76 5.78 5.40
CA LEU A 133 -22.10 6.08 5.05
C LEU A 133 -22.95 6.38 6.26
N LYS A 134 -22.76 5.62 7.32
CA LYS A 134 -23.50 5.83 8.53
C LYS A 134 -23.20 7.15 9.20
N GLU A 135 -21.96 7.56 9.20
CA GLU A 135 -21.58 8.89 9.65
C GLU A 135 -22.30 10.02 8.91
N VAL A 136 -22.30 9.95 7.59
CA VAL A 136 -22.95 10.95 6.79
C VAL A 136 -24.43 10.99 7.06
N LEU A 137 -25.12 9.85 6.98
CA LEU A 137 -26.52 9.67 7.44
C LEU A 137 -26.85 10.23 8.81
N ARG A 138 -26.10 9.83 9.83
CA ARG A 138 -26.21 10.45 11.14
C ARG A 138 -26.25 12.00 11.08
N PHE A 139 -25.38 12.62 10.29
CA PHE A 139 -25.43 14.08 10.16
C PHE A 139 -26.43 14.56 9.13
N GLY A 140 -27.31 13.71 8.64
CA GLY A 140 -28.26 14.20 7.63
C GLY A 140 -27.71 14.54 6.22
N GLY A 141 -26.48 14.12 5.85
CA GLY A 141 -26.04 14.36 4.48
C GLY A 141 -26.84 13.54 3.49
N ASP A 142 -26.88 13.97 2.26
CA ASP A 142 -27.64 13.28 1.25
C ASP A 142 -26.74 12.26 0.54
N VAL A 143 -26.97 11.00 0.87
CA VAL A 143 -26.26 9.87 0.25
C VAL A 143 -27.24 8.94 -0.47
N SER A 144 -28.37 9.50 -0.90
CA SER A 144 -29.44 8.78 -1.62
C SER A 144 -28.91 8.11 -2.85
N ASP A 145 -27.93 8.71 -3.54
CA ASP A 145 -27.31 8.04 -4.68
C ASP A 145 -26.61 6.74 -4.37
N TYR A 146 -26.28 6.55 -3.11
CA TYR A 146 -25.48 5.40 -2.75
C TYR A 146 -26.28 4.22 -2.20
N LEU A 147 -27.61 4.37 -2.07
CA LEU A 147 -28.56 3.37 -1.47
C LEU A 147 -29.68 3.02 -2.44
N PRO A 148 -30.05 1.72 -2.49
CA PRO A 148 -31.26 1.38 -3.28
C PRO A 148 -32.40 2.27 -2.77
N PRO A 149 -33.15 2.89 -3.68
CA PRO A 149 -34.19 3.87 -3.27
C PRO A 149 -35.14 3.34 -2.19
N ASN A 150 -35.46 2.02 -2.23
CA ASN A 150 -36.35 1.42 -1.22
C ASN A 150 -35.75 1.37 0.18
N ILE A 151 -34.44 1.17 0.25
CA ILE A 151 -33.75 1.14 1.52
C ILE A 151 -33.65 2.56 2.07
N TYR A 152 -33.35 3.51 1.20
CA TYR A 152 -33.40 4.93 1.51
C TYR A 152 -34.79 5.43 2.05
N HIS A 153 -35.89 5.24 1.29
CA HIS A 153 -37.28 5.51 1.75
C HIS A 153 -37.50 4.91 3.13
N ALA A 154 -37.18 3.63 3.29
CA ALA A 154 -37.35 2.95 4.56
C ALA A 154 -36.52 3.56 5.66
N LEU A 155 -35.39 4.16 5.27
CA LEU A 155 -34.45 4.73 6.22
C LEU A 155 -34.95 6.08 6.72
N LYS A 156 -35.42 6.92 5.80
CA LYS A 156 -36.01 8.22 6.15
C LYS A 156 -37.02 8.06 7.29
N GLN A 157 -37.88 7.04 7.19
CA GLN A 157 -38.80 6.66 8.28
C GLN A 157 -38.13 6.48 9.65
N LYS A 158 -37.35 5.43 9.86
CA LYS A 158 -36.84 5.08 11.22
C LYS A 158 -36.23 6.21 12.11
N MET B 1 -26.04 -20.89 -20.39
CA MET B 1 -25.11 -21.47 -21.39
C MET B 1 -23.73 -21.62 -20.71
N ARG B 2 -22.71 -22.09 -21.44
CA ARG B 2 -21.32 -22.14 -20.93
C ARG B 2 -20.89 -20.76 -20.42
N LYS B 3 -20.19 -20.74 -19.29
CA LYS B 3 -19.48 -19.52 -18.86
C LYS B 3 -18.06 -19.79 -19.13
N ILE B 4 -17.48 -18.99 -20.03
CA ILE B 4 -16.14 -19.20 -20.56
C ILE B 4 -15.20 -18.10 -20.09
N ALA B 5 -14.06 -18.45 -19.52
CA ALA B 5 -13.15 -17.39 -19.09
C ALA B 5 -11.95 -17.42 -19.96
N LEU B 6 -11.42 -16.26 -20.35
CA LEU B 6 -10.06 -16.23 -20.89
C LEU B 6 -9.02 -15.87 -19.74
N PHE B 7 -7.94 -16.64 -19.62
CA PHE B 7 -6.84 -16.40 -18.73
C PHE B 7 -5.69 -15.94 -19.62
N PRO B 8 -5.54 -14.62 -19.79
CA PRO B 8 -4.50 -14.10 -20.67
C PRO B 8 -3.12 -14.11 -19.99
N GLY B 9 -2.06 -14.17 -20.79
CA GLY B 9 -0.75 -14.15 -20.22
C GLY B 9 0.39 -14.36 -21.20
N SER B 10 1.60 -14.17 -20.67
CA SER B 10 2.80 -14.43 -21.42
C SER B 10 3.24 -15.87 -21.24
N PHE B 11 3.09 -16.40 -20.04
CA PHE B 11 3.51 -17.78 -19.72
C PHE B 11 4.93 -18.01 -20.28
N ASP B 12 5.85 -17.17 -19.78
CA ASP B 12 7.28 -17.14 -20.15
C ASP B 12 8.18 -17.05 -18.93
N PRO B 13 8.31 -18.12 -18.13
CA PRO B 13 7.67 -19.43 -18.20
C PRO B 13 6.35 -19.51 -17.40
N MET B 14 5.50 -20.49 -17.73
CA MET B 14 4.37 -20.87 -16.94
C MET B 14 4.87 -21.49 -15.64
N THR B 15 4.32 -21.02 -14.53
CA THR B 15 4.76 -21.38 -13.21
C THR B 15 3.72 -22.25 -12.59
N ASN B 16 4.05 -22.85 -11.46
CA ASN B 16 3.08 -23.56 -10.68
C ASN B 16 2.00 -22.65 -10.09
N GLY B 17 2.27 -21.34 -10.01
CA GLY B 17 1.28 -20.38 -9.61
C GLY B 17 0.25 -20.15 -10.70
N HIS B 18 0.70 -19.99 -11.94
CA HIS B 18 -0.22 -20.03 -13.10
C HIS B 18 -1.14 -21.26 -13.09
N LEU B 19 -0.56 -22.46 -12.90
CA LEU B 19 -1.24 -23.76 -12.85
C LEU B 19 -2.31 -23.89 -11.73
N ASN B 20 -1.92 -23.51 -10.52
CA ASN B 20 -2.85 -23.31 -9.41
C ASN B 20 -4.08 -22.37 -9.73
N LEU B 21 -3.89 -21.20 -10.33
CA LEU B 21 -4.98 -20.35 -10.78
C LEU B 21 -5.90 -21.02 -11.84
N ILE B 22 -5.25 -21.67 -12.81
CA ILE B 22 -5.95 -22.45 -13.83
C ILE B 22 -6.76 -23.57 -13.19
N GLU B 23 -6.16 -24.39 -12.31
CA GLU B 23 -6.93 -25.43 -11.60
C GLU B 23 -8.10 -24.94 -10.78
N ARG B 24 -7.94 -23.81 -10.07
CA ARG B 24 -9.03 -23.21 -9.30
C ARG B 24 -10.12 -22.61 -10.22
N SER B 25 -9.65 -21.99 -11.30
CA SER B 25 -10.46 -21.42 -12.38
C SER B 25 -11.33 -22.46 -12.99
N ALA B 26 -10.77 -23.62 -13.29
CA ALA B 26 -11.50 -24.75 -13.92
C ALA B 26 -12.64 -25.28 -13.12
N LYS B 27 -12.71 -25.00 -11.82
CA LYS B 27 -13.86 -25.39 -10.99
C LYS B 27 -14.91 -24.33 -10.96
N LEU B 28 -14.53 -23.11 -11.43
CA LEU B 28 -15.38 -21.95 -11.34
C LEU B 28 -16.09 -21.73 -12.69
N PHE B 29 -15.43 -21.94 -13.83
CA PHE B 29 -16.05 -21.65 -15.09
C PHE B 29 -16.31 -23.00 -15.79
N ASP B 30 -17.24 -22.98 -16.76
CA ASP B 30 -17.43 -24.14 -17.64
C ASP B 30 -16.20 -24.45 -18.45
N GLU B 31 -15.59 -23.42 -19.00
CA GLU B 31 -14.28 -23.58 -19.70
C GLU B 31 -13.35 -22.43 -19.39
N VAL B 32 -12.09 -22.78 -19.33
CA VAL B 32 -11.02 -21.84 -19.31
C VAL B 32 -10.13 -21.94 -20.55
N ILE B 33 -9.96 -20.83 -21.23
CA ILE B 33 -9.03 -20.76 -22.29
C ILE B 33 -7.81 -20.02 -21.78
N ILE B 34 -6.64 -20.64 -21.98
CA ILE B 34 -5.38 -20.04 -21.70
C ILE B 34 -4.90 -19.37 -22.96
N GLY B 35 -4.89 -18.03 -22.93
CA GLY B 35 -4.54 -17.33 -24.10
C GLY B 35 -3.11 -16.86 -24.03
N VAL B 36 -2.24 -17.45 -24.87
CA VAL B 36 -0.82 -17.19 -24.83
C VAL B 36 -0.53 -16.16 -25.86
N PHE B 37 -0.26 -14.95 -25.37
CA PHE B 37 -0.12 -13.81 -26.24
C PHE B 37 1.36 -13.81 -26.65
N ILE B 38 1.62 -13.88 -27.97
CA ILE B 38 2.96 -14.08 -28.53
C ILE B 38 3.47 -12.84 -29.27
N LEU B 45 13.53 -17.51 -26.85
CA LEU B 45 13.05 -18.53 -25.92
C LEU B 45 12.52 -19.73 -26.74
N PHE B 46 11.18 -19.85 -26.88
CA PHE B 46 10.50 -20.92 -27.66
C PHE B 46 9.71 -20.37 -28.88
N THR B 47 9.26 -21.24 -29.79
CA THR B 47 8.29 -20.82 -30.85
C THR B 47 6.84 -20.94 -30.33
N PRO B 48 5.89 -20.16 -30.90
CA PRO B 48 4.46 -20.42 -30.69
C PRO B 48 4.07 -21.90 -30.51
N GLU B 49 4.47 -22.77 -31.45
CA GLU B 49 4.11 -24.20 -31.39
C GLU B 49 4.66 -24.85 -30.13
N GLU B 50 5.81 -24.38 -29.69
CA GLU B 50 6.49 -24.97 -28.56
C GLU B 50 5.79 -24.71 -27.22
N LYS B 51 5.57 -23.43 -26.91
CA LYS B 51 4.79 -22.97 -25.74
C LYS B 51 3.44 -23.66 -25.73
N LYS B 52 2.75 -23.65 -26.88
CA LYS B 52 1.47 -24.33 -26.97
C LYS B 52 1.56 -25.76 -26.41
N TYR B 53 2.46 -26.57 -26.97
CA TYR B 53 2.62 -27.99 -26.56
C TYR B 53 2.87 -28.12 -25.05
N LEU B 54 3.82 -27.31 -24.56
CA LEU B 54 4.25 -27.26 -23.15
C LEU B 54 3.13 -26.94 -22.16
N ILE B 55 2.36 -25.90 -22.48
CA ILE B 55 1.21 -25.51 -21.70
C ILE B 55 0.10 -26.56 -21.72
N GLU B 56 -0.20 -27.07 -22.91
CA GLU B 56 -1.13 -28.19 -23.05
C GLU B 56 -0.75 -29.40 -22.25
N GLU B 57 0.52 -29.80 -22.37
CA GLU B 57 1.15 -30.88 -21.58
C GLU B 57 0.92 -30.65 -20.08
N ALA B 58 1.14 -29.43 -19.58
CA ALA B 58 0.99 -29.14 -18.11
C ALA B 58 -0.46 -29.12 -17.62
N THR B 59 -1.37 -28.75 -18.53
CA THR B 59 -2.78 -28.61 -18.16
C THR B 59 -3.66 -29.79 -18.61
N LYS B 60 -3.00 -30.91 -18.95
CA LYS B 60 -3.65 -32.07 -19.60
C LYS B 60 -4.64 -32.77 -18.70
N GLU B 61 -4.45 -32.72 -17.38
CA GLU B 61 -5.36 -33.39 -16.43
C GLU B 61 -6.72 -32.70 -16.31
N MET B 62 -6.87 -31.54 -16.94
CA MET B 62 -8.06 -30.70 -16.80
C MET B 62 -8.82 -30.68 -18.08
N PRO B 63 -9.98 -31.36 -18.08
CA PRO B 63 -10.77 -31.58 -19.29
C PRO B 63 -11.38 -30.29 -19.91
N ASN B 64 -11.80 -29.32 -19.08
CA ASN B 64 -12.43 -28.09 -19.55
C ASN B 64 -11.43 -26.93 -19.77
N VAL B 65 -10.14 -27.22 -19.98
CA VAL B 65 -9.14 -26.16 -20.14
C VAL B 65 -8.52 -26.42 -21.50
N ARG B 66 -8.31 -25.36 -22.28
CA ARG B 66 -7.65 -25.42 -23.56
C ARG B 66 -6.76 -24.21 -23.80
N VAL B 67 -5.78 -24.43 -24.66
CA VAL B 67 -4.73 -23.50 -24.97
C VAL B 67 -4.99 -22.99 -26.40
N ILE B 68 -5.08 -21.67 -26.55
CA ILE B 68 -5.34 -21.05 -27.82
C ILE B 68 -4.35 -19.94 -27.91
N MET B 69 -3.42 -20.08 -28.85
CA MET B 69 -2.30 -19.18 -29.07
C MET B 69 -2.89 -17.94 -29.71
N GLN B 70 -2.43 -16.78 -29.29
CA GLN B 70 -3.04 -15.54 -29.78
C GLN B 70 -1.97 -14.57 -30.27
N GLU B 71 -2.21 -14.00 -31.44
CA GLU B 71 -1.43 -12.85 -31.87
C GLU B 71 -1.73 -11.68 -30.91
N THR B 72 -0.71 -10.90 -30.58
CA THR B 72 -0.88 -9.75 -29.68
C THR B 72 -1.95 -8.76 -30.19
N GLN B 73 -2.95 -8.53 -29.34
CA GLN B 73 -4.10 -7.71 -29.67
C GLN B 73 -4.68 -7.27 -28.35
N LEU B 74 -5.76 -6.49 -28.39
CA LEU B 74 -6.48 -6.15 -27.15
C LEU B 74 -7.03 -7.47 -26.62
N THR B 75 -6.70 -7.81 -25.36
CA THR B 75 -7.33 -8.90 -24.61
C THR B 75 -8.87 -8.95 -24.73
N VAL B 76 -9.52 -7.82 -24.69
CA VAL B 76 -10.95 -7.89 -24.76
C VAL B 76 -11.37 -8.33 -26.17
N GLU B 77 -10.59 -7.97 -27.22
CA GLU B 77 -10.96 -8.33 -28.61
C GLU B 77 -10.82 -9.82 -28.80
N SER B 78 -9.80 -10.37 -28.18
CA SER B 78 -9.54 -11.77 -28.13
C SER B 78 -10.62 -12.58 -27.34
N ALA B 79 -11.05 -12.10 -26.16
CA ALA B 79 -12.09 -12.77 -25.39
C ALA B 79 -13.43 -12.72 -26.20
N LYS B 80 -13.79 -11.54 -26.71
CA LYS B 80 -14.96 -11.39 -27.60
C LYS B 80 -14.98 -12.44 -28.73
N SER B 81 -13.88 -12.58 -29.45
CA SER B 81 -13.79 -13.53 -30.53
C SER B 81 -13.91 -15.00 -30.12
N LEU B 82 -13.86 -15.30 -28.79
CA LEU B 82 -13.91 -16.70 -28.34
C LEU B 82 -15.16 -16.99 -27.58
N GLY B 83 -16.04 -16.01 -27.54
CA GLY B 83 -17.20 -16.10 -26.72
C GLY B 83 -16.89 -16.15 -25.22
N ALA B 84 -15.69 -15.64 -24.78
CA ALA B 84 -15.29 -15.60 -23.33
C ALA B 84 -15.89 -14.35 -22.73
N ASN B 85 -16.85 -14.45 -21.83
CA ASN B 85 -17.41 -13.22 -21.31
C ASN B 85 -16.76 -12.86 -19.96
N PHE B 86 -15.69 -13.61 -19.60
CA PHE B 86 -15.01 -13.44 -18.30
C PHE B 86 -13.55 -13.41 -18.54
N LEU B 87 -12.90 -12.48 -17.87
CA LEU B 87 -11.45 -12.44 -17.79
C LEU B 87 -11.05 -12.95 -16.43
N ILE B 88 -10.19 -13.95 -16.35
CA ILE B 88 -9.74 -14.39 -15.04
C ILE B 88 -8.25 -14.05 -14.80
N ARG B 89 -7.95 -13.44 -13.66
CA ARG B 89 -6.59 -12.96 -13.30
C ARG B 89 -6.27 -13.28 -11.81
N GLY B 90 -4.98 -13.33 -11.46
CA GLY B 90 -4.55 -13.53 -10.08
C GLY B 90 -4.05 -12.23 -9.48
N ILE B 91 -4.18 -12.07 -8.15
CA ILE B 91 -3.53 -10.92 -7.51
C ILE B 91 -2.57 -11.49 -6.48
N ARG B 92 -1.28 -11.11 -6.51
CA ARG B 92 -0.42 -11.70 -5.47
C ARG B 92 0.10 -10.72 -4.41
N ASN B 93 0.00 -9.39 -4.66
CA ASN B 93 0.46 -8.34 -3.73
C ASN B 93 -0.13 -6.96 -4.04
N VAL B 94 0.23 -5.90 -3.29
CA VAL B 94 -0.48 -4.63 -3.45
C VAL B 94 -0.11 -4.08 -4.80
N LYS B 95 1.15 -4.24 -5.21
CA LYS B 95 1.58 -3.77 -6.47
C LYS B 95 0.83 -4.37 -7.69
N ASP B 96 0.65 -5.67 -7.63
CA ASP B 96 -0.14 -6.47 -8.52
C ASP B 96 -1.60 -6.12 -8.47
N TYR B 97 -2.18 -6.03 -7.28
CA TYR B 97 -3.50 -5.42 -7.08
C TYR B 97 -3.68 -4.10 -7.84
N GLU B 98 -2.77 -3.11 -7.69
CA GLU B 98 -3.05 -1.81 -8.37
C GLU B 98 -2.83 -1.88 -9.85
N TYR B 99 -1.91 -2.72 -10.26
CA TYR B 99 -1.73 -2.88 -11.71
C TYR B 99 -2.94 -3.61 -12.41
N GLU B 100 -3.49 -4.66 -11.82
CA GLU B 100 -4.58 -5.47 -12.39
C GLU B 100 -5.82 -4.61 -12.37
N LYS B 101 -5.92 -3.79 -11.32
CA LYS B 101 -7.01 -2.88 -11.15
C LYS B 101 -7.16 -1.90 -12.34
N ASP B 102 -6.08 -1.21 -12.67
CA ASP B 102 -6.01 -0.30 -13.85
C ASP B 102 -6.37 -1.05 -15.16
N ILE B 103 -5.75 -2.21 -15.39
CA ILE B 103 -6.06 -3.10 -16.56
C ILE B 103 -7.57 -3.48 -16.60
N ALA B 104 -8.17 -3.83 -15.43
CA ALA B 104 -9.63 -4.17 -15.39
C ALA B 104 -10.56 -2.99 -15.74
N LYS B 105 -10.18 -1.77 -15.32
CA LYS B 105 -10.99 -0.61 -15.58
C LYS B 105 -10.85 -0.13 -17.01
N MET B 106 -9.67 -0.17 -17.56
CA MET B 106 -9.45 0.02 -18.98
C MET B 106 -10.26 -1.00 -19.75
N ASN B 107 -10.20 -2.28 -19.35
CA ASN B 107 -10.90 -3.39 -20.06
C ASN B 107 -12.41 -3.20 -19.94
N GLN B 108 -12.86 -2.48 -18.94
CA GLN B 108 -14.26 -2.32 -18.72
C GLN B 108 -14.78 -1.14 -19.55
N HIS B 109 -13.93 -0.17 -19.77
CA HIS B 109 -14.26 0.87 -20.66
C HIS B 109 -14.28 0.34 -22.11
N LEU B 110 -13.31 -0.49 -22.47
CA LEU B 110 -13.28 -1.16 -23.80
C LEU B 110 -14.42 -2.15 -24.08
N ALA B 111 -14.84 -2.91 -23.07
CA ALA B 111 -15.81 -3.97 -23.31
C ALA B 111 -16.57 -4.19 -22.02
N PRO B 112 -17.56 -3.33 -21.73
CA PRO B 112 -18.32 -3.39 -20.50
C PRO B 112 -19.13 -4.65 -20.24
N GLU B 113 -19.30 -5.53 -21.22
CA GLU B 113 -20.10 -6.73 -21.04
C GLU B 113 -19.23 -7.88 -20.50
N ILE B 114 -17.91 -7.67 -20.60
CA ILE B 114 -16.90 -8.60 -20.13
C ILE B 114 -16.48 -8.31 -18.64
N GLU B 115 -16.67 -9.31 -17.75
CA GLU B 115 -16.30 -9.21 -16.33
C GLU B 115 -14.92 -9.71 -16.07
N THR B 116 -14.09 -8.89 -15.41
CA THR B 116 -12.81 -9.37 -14.82
C THR B 116 -13.08 -9.99 -13.42
N VAL B 117 -12.57 -11.21 -13.26
CA VAL B 117 -12.70 -11.94 -11.98
C VAL B 117 -11.33 -12.21 -11.43
N PHE B 118 -11.18 -12.12 -10.10
CA PHE B 118 -9.86 -12.30 -9.44
C PHE B 118 -9.81 -13.39 -8.44
N LEU B 119 -8.70 -14.10 -8.46
CA LEU B 119 -8.32 -15.04 -7.38
C LEU B 119 -6.96 -14.58 -6.76
N LEU B 120 -6.84 -14.73 -5.44
CA LEU B 120 -5.59 -14.48 -4.75
C LEU B 120 -4.59 -15.60 -4.92
N ALA B 121 -3.32 -15.24 -5.19
CA ALA B 121 -2.25 -16.22 -5.29
C ALA B 121 -2.24 -17.05 -3.98
N GLU B 122 -1.93 -18.35 -4.09
CA GLU B 122 -1.72 -19.21 -2.94
C GLU B 122 -0.38 -18.93 -2.36
N GLU B 123 -0.33 -18.98 -1.05
CA GLU B 123 0.81 -18.32 -0.37
C GLU B 123 2.20 -18.94 -0.71
N PRO B 124 2.28 -20.25 -1.07
CA PRO B 124 3.57 -20.68 -1.67
C PRO B 124 4.02 -19.92 -2.94
N TYR B 125 3.10 -19.36 -3.75
CA TYR B 125 3.50 -18.68 -4.99
C TYR B 125 3.37 -17.17 -4.99
N ALA B 126 2.92 -16.61 -3.89
CA ALA B 126 2.64 -15.18 -3.81
C ALA B 126 3.89 -14.32 -4.09
N HIS B 127 5.10 -14.88 -3.94
CA HIS B 127 6.39 -14.17 -4.24
C HIS B 127 6.98 -14.44 -5.62
N VAL B 128 6.35 -15.31 -6.38
CA VAL B 128 6.92 -15.75 -7.66
C VAL B 128 6.44 -14.82 -8.79
N SER B 129 7.36 -14.16 -9.50
CA SER B 129 7.08 -13.39 -10.78
C SER B 129 7.89 -14.05 -11.88
N SER B 130 7.48 -13.87 -13.13
CA SER B 130 8.28 -14.44 -14.21
C SER B 130 9.64 -13.70 -14.29
N SER B 131 9.69 -12.42 -13.93
CA SER B 131 10.98 -11.73 -14.03
C SER B 131 11.98 -12.13 -12.95
N LEU B 132 11.50 -12.50 -11.76
CA LEU B 132 12.39 -12.89 -10.69
C LEU B 132 12.84 -14.33 -10.94
N LEU B 133 11.92 -15.16 -11.41
CA LEU B 133 12.20 -16.56 -11.69
C LEU B 133 13.27 -16.65 -12.79
N LYS B 134 13.23 -15.74 -13.75
CA LYS B 134 14.19 -15.73 -14.83
C LYS B 134 15.54 -15.31 -14.33
N GLU B 135 15.59 -14.33 -13.42
CA GLU B 135 16.84 -13.87 -12.84
C GLU B 135 17.53 -15.00 -12.13
N VAL B 136 16.80 -15.74 -11.29
CA VAL B 136 17.36 -16.91 -10.58
C VAL B 136 17.89 -18.02 -11.52
N LEU B 137 17.09 -18.35 -12.55
CA LEU B 137 17.47 -19.32 -13.60
C LEU B 137 18.74 -18.90 -14.31
N ARG B 138 18.86 -17.64 -14.70
CA ARG B 138 20.07 -17.20 -15.35
C ARG B 138 21.35 -17.42 -14.49
N PHE B 139 21.26 -17.36 -13.17
CA PHE B 139 22.42 -17.68 -12.28
C PHE B 139 22.40 -19.12 -11.82
N GLY B 140 21.50 -19.93 -12.32
CA GLY B 140 21.55 -21.33 -12.04
C GLY B 140 20.96 -21.76 -10.73
N GLY B 141 20.18 -20.90 -10.08
CA GLY B 141 19.45 -21.30 -8.91
C GLY B 141 18.35 -22.29 -9.22
N ASP B 142 18.07 -23.12 -8.24
CA ASP B 142 17.11 -24.16 -8.34
C ASP B 142 15.69 -23.70 -7.90
N VAL B 143 14.88 -23.42 -8.92
CA VAL B 143 13.45 -23.02 -8.81
C VAL B 143 12.51 -24.12 -9.39
N SER B 144 12.98 -25.37 -9.35
CA SER B 144 12.27 -26.47 -10.00
C SER B 144 10.97 -26.67 -9.30
N ASP B 145 10.90 -26.35 -8.01
CA ASP B 145 9.64 -26.53 -7.23
C ASP B 145 8.52 -25.49 -7.61
N TYR B 146 8.88 -24.48 -8.41
CA TYR B 146 7.96 -23.43 -8.89
C TYR B 146 7.58 -23.61 -10.38
N LEU B 147 8.08 -24.66 -11.01
CA LEU B 147 7.80 -24.88 -12.42
C LEU B 147 7.15 -26.22 -12.61
N PRO B 148 6.21 -26.29 -13.59
CA PRO B 148 5.71 -27.61 -14.02
C PRO B 148 6.91 -28.47 -14.44
N PRO B 149 7.01 -29.71 -13.93
CA PRO B 149 8.12 -30.67 -14.31
C PRO B 149 8.45 -30.66 -15.83
N ASN B 150 7.43 -30.79 -16.69
CA ASN B 150 7.73 -30.74 -18.13
C ASN B 150 8.36 -29.44 -18.63
N ILE B 151 7.96 -28.31 -18.04
CA ILE B 151 8.54 -26.99 -18.38
C ILE B 151 9.94 -26.82 -17.78
N TYR B 152 10.13 -27.34 -16.57
CA TYR B 152 11.47 -27.42 -16.02
C TYR B 152 12.41 -28.24 -16.96
N HIS B 153 12.00 -29.45 -17.34
CA HIS B 153 12.82 -30.15 -18.33
C HIS B 153 13.04 -29.40 -19.66
N ALA B 154 11.99 -28.93 -20.32
CA ALA B 154 12.19 -28.28 -21.60
C ALA B 154 13.17 -27.11 -21.47
N LEU B 155 13.32 -26.62 -20.24
CA LEU B 155 14.14 -25.43 -19.92
C LEU B 155 15.62 -25.78 -19.77
N LYS B 156 15.92 -26.72 -18.89
CA LYS B 156 17.26 -27.27 -18.78
C LYS B 156 17.80 -27.61 -20.17
N GLN B 157 16.95 -28.29 -20.96
CA GLN B 157 17.22 -28.75 -22.33
C GLN B 157 17.61 -27.67 -23.35
N LYS B 158 17.67 -26.41 -22.95
CA LYS B 158 17.90 -25.32 -23.92
C LYS B 158 18.87 -24.21 -23.43
N MET C 1 28.34 -3.30 20.65
CA MET C 1 27.32 -3.75 21.67
C MET C 1 27.73 -5.12 22.37
N ARG C 2 26.89 -5.60 23.29
CA ARG C 2 26.58 -7.06 23.33
C ARG C 2 25.05 -7.12 23.05
N LYS C 3 24.55 -8.23 22.51
CA LYS C 3 23.29 -8.24 21.76
C LYS C 3 22.14 -8.86 22.47
N ILE C 4 21.45 -8.05 23.26
CA ILE C 4 20.22 -8.51 23.87
C ILE C 4 18.96 -7.73 23.31
N ALA C 5 17.90 -8.47 23.00
CA ALA C 5 16.75 -7.99 22.29
C ALA C 5 15.54 -8.19 23.17
N LEU C 6 14.69 -7.17 23.26
CA LEU C 6 13.34 -7.37 23.81
C LEU C 6 12.30 -7.60 22.66
N PHE C 7 11.55 -8.68 22.75
CA PHE C 7 10.42 -8.98 21.89
C PHE C 7 9.15 -8.71 22.67
N PRO C 8 8.59 -7.49 22.57
CA PRO C 8 7.40 -7.08 23.30
C PRO C 8 6.09 -7.58 22.68
N GLY C 9 5.07 -7.74 23.50
CA GLY C 9 3.82 -8.27 22.99
C GLY C 9 2.82 -8.52 24.08
N SER C 10 1.56 -8.75 23.70
CA SER C 10 0.55 -9.22 24.68
C SER C 10 0.34 -10.71 24.71
N PHE C 11 0.81 -11.39 23.66
CA PHE C 11 0.79 -12.86 23.55
C PHE C 11 -0.50 -13.48 24.12
N ASP C 12 -1.64 -12.97 23.64
CA ASP C 12 -3.00 -13.38 24.01
C ASP C 12 -3.90 -13.89 22.84
N PRO C 13 -3.61 -15.06 22.26
CA PRO C 13 -2.59 -16.01 22.62
C PRO C 13 -1.26 -15.83 21.86
N MET C 14 -0.24 -16.55 22.33
CA MET C 14 0.95 -16.76 21.59
C MET C 14 0.65 -17.73 20.42
N THR C 15 1.09 -17.40 19.22
CA THR C 15 0.87 -18.25 18.09
C THR C 15 2.18 -18.89 17.66
N ASN C 16 2.07 -19.71 16.62
CA ASN C 16 3.21 -20.36 15.98
C ASN C 16 4.05 -19.35 15.19
N GLY C 17 3.40 -18.24 14.79
CA GLY C 17 4.07 -17.07 14.24
C GLY C 17 5.05 -16.37 15.19
N HIS C 18 4.56 -16.01 16.37
CA HIS C 18 5.39 -15.51 17.50
C HIS C 18 6.53 -16.48 17.76
N LEU C 19 6.19 -17.72 18.02
CA LEU C 19 7.20 -18.76 18.15
C LEU C 19 8.26 -18.81 17.08
N ASN C 20 7.82 -18.72 15.80
CA ASN C 20 8.70 -18.71 14.61
C ASN C 20 9.67 -17.58 14.66
N LEU C 21 9.19 -16.41 15.07
CA LEU C 21 10.04 -15.18 15.11
C LEU C 21 11.00 -15.22 16.31
N ILE C 22 10.53 -15.80 17.39
CA ILE C 22 11.39 -16.01 18.53
C ILE C 22 12.57 -16.92 18.10
N GLU C 23 12.24 -18.03 17.44
CA GLU C 23 13.24 -19.05 17.03
C GLU C 23 14.24 -18.42 16.12
N ARG C 24 13.78 -17.65 15.17
CA ARG C 24 14.73 -17.01 14.23
C ARG C 24 15.61 -15.95 14.93
N SER C 25 15.05 -15.31 15.92
CA SER C 25 15.81 -14.24 16.54
C SER C 25 16.82 -14.74 17.63
N ALA C 26 16.48 -15.85 18.27
CA ALA C 26 17.40 -16.55 19.18
C ALA C 26 18.72 -16.90 18.40
N LYS C 27 18.65 -17.03 17.06
CA LYS C 27 19.82 -17.24 16.21
C LYS C 27 20.62 -15.97 15.92
N LEU C 28 20.05 -14.82 16.18
CA LEU C 28 20.71 -13.58 15.80
C LEU C 28 21.27 -12.85 17.03
N PHE C 29 20.59 -13.00 18.16
CA PHE C 29 20.96 -12.29 19.37
C PHE C 29 21.55 -13.24 20.46
N ASP C 30 22.49 -12.70 21.25
CA ASP C 30 23.00 -13.43 22.45
C ASP C 30 21.89 -13.85 23.35
N GLU C 31 20.96 -12.93 23.65
CA GLU C 31 19.74 -13.22 24.43
C GLU C 31 18.50 -12.52 23.82
N VAL C 32 17.36 -13.13 23.99
CA VAL C 32 16.13 -12.58 23.56
C VAL C 32 15.22 -12.70 24.74
N ILE C 33 14.65 -11.59 25.17
CA ILE C 33 13.61 -11.57 26.23
C ILE C 33 12.20 -11.34 25.65
N ILE C 34 11.28 -12.20 26.04
CA ILE C 34 9.94 -12.15 25.60
C ILE C 34 9.25 -11.33 26.64
N GLY C 35 8.78 -10.12 26.29
CA GLY C 35 8.11 -9.26 27.24
C GLY C 35 6.60 -9.25 27.12
N VAL C 36 5.94 -10.03 27.95
CA VAL C 36 4.50 -10.14 27.98
C VAL C 36 3.92 -9.00 28.79
N PHE C 37 3.39 -8.01 28.10
CA PHE C 37 2.88 -6.81 28.73
C PHE C 37 1.44 -7.09 29.15
N ILE C 38 1.09 -6.70 30.39
CA ILE C 38 -0.24 -7.02 30.98
C ILE C 38 -1.20 -5.83 30.98
N LEU C 45 -8.11 -16.30 28.94
CA LEU C 45 -8.62 -15.97 30.26
C LEU C 45 -7.67 -16.40 31.39
N PHE C 46 -6.38 -16.06 31.25
CA PHE C 46 -5.32 -16.49 32.21
C PHE C 46 -4.81 -15.34 33.07
N THR C 47 -4.27 -15.67 34.22
CA THR C 47 -3.58 -14.71 35.02
C THR C 47 -2.29 -14.58 34.31
N PRO C 48 -1.52 -13.58 34.67
CA PRO C 48 -0.22 -13.37 34.08
C PRO C 48 0.66 -14.55 34.39
N GLU C 49 0.60 -15.07 35.59
CA GLU C 49 1.46 -16.19 35.92
C GLU C 49 1.13 -17.36 35.03
N GLU C 50 -0.14 -17.59 34.74
CA GLU C 50 -0.50 -18.65 33.81
C GLU C 50 0.07 -18.34 32.45
N LYS C 51 -0.07 -17.10 32.01
CA LYS C 51 0.47 -16.68 30.73
C LYS C 51 1.97 -16.97 30.66
N LYS C 52 2.71 -16.54 31.69
CA LYS C 52 4.18 -16.74 31.81
C LYS C 52 4.63 -18.20 31.74
N TYR C 53 3.90 -19.08 32.43
CA TYR C 53 4.20 -20.52 32.43
C TYR C 53 4.02 -21.14 31.02
N LEU C 54 2.91 -20.82 30.37
CA LEU C 54 2.62 -21.26 28.99
C LEU C 54 3.67 -20.83 27.95
N ILE C 55 4.08 -19.54 27.95
CA ILE C 55 5.16 -19.05 27.06
C ILE C 55 6.47 -19.82 27.31
N GLU C 56 6.88 -19.89 28.57
CA GLU C 56 8.10 -20.60 28.98
C GLU C 56 8.09 -22.05 28.52
N GLU C 57 6.97 -22.71 28.75
CA GLU C 57 6.73 -24.08 28.36
C GLU C 57 6.86 -24.22 26.81
N ALA C 58 6.39 -23.22 26.06
CA ALA C 58 6.47 -23.29 24.60
C ALA C 58 7.89 -22.97 24.12
N THR C 59 8.60 -22.15 24.89
CA THR C 59 9.90 -21.67 24.43
C THR C 59 11.10 -22.35 25.13
N LYS C 60 10.81 -23.43 25.87
CA LYS C 60 11.78 -24.05 26.83
C LYS C 60 13.00 -24.69 26.18
N GLU C 61 12.87 -25.16 24.94
CA GLU C 61 14.00 -25.80 24.29
C GLU C 61 15.02 -24.81 23.74
N MET C 62 14.76 -23.52 23.99
CA MET C 62 15.63 -22.47 23.52
C MET C 62 16.43 -21.87 24.70
N PRO C 63 17.74 -22.22 24.79
CA PRO C 63 18.63 -21.77 25.89
C PRO C 63 18.75 -20.24 26.08
N ASN C 64 18.78 -19.45 24.99
CA ASN C 64 19.01 -18.01 25.14
C ASN C 64 17.75 -17.15 25.16
N VAL C 65 16.64 -17.78 25.53
CA VAL C 65 15.33 -17.14 25.55
C VAL C 65 14.75 -17.10 26.93
N ARG C 66 14.27 -15.93 27.29
CA ARG C 66 13.78 -15.69 28.60
C ARG C 66 12.42 -14.99 28.54
N VAL C 67 11.50 -15.39 29.41
CA VAL C 67 10.21 -14.72 29.53
C VAL C 67 10.19 -13.79 30.73
N ILE C 68 9.62 -12.61 30.56
CA ILE C 68 9.46 -11.66 31.65
C ILE C 68 8.12 -10.95 31.52
N MET C 69 7.38 -10.85 32.63
CA MET C 69 6.11 -10.13 32.67
C MET C 69 6.36 -8.66 32.96
N GLN C 70 5.62 -7.78 32.29
CA GLN C 70 5.84 -6.36 32.40
C GLN C 70 4.52 -5.70 32.63
N GLU C 71 4.49 -4.79 33.59
CA GLU C 71 3.37 -3.87 33.78
C GLU C 71 3.35 -3.06 32.53
N THR C 72 2.16 -2.78 32.05
CA THR C 72 1.98 -1.88 30.91
C THR C 72 2.82 -0.57 31.17
N GLN C 73 3.76 -0.27 30.28
CA GLN C 73 4.64 0.91 30.37
C GLN C 73 5.24 1.14 28.98
N LEU C 74 5.96 2.25 28.80
CA LEU C 74 6.77 2.51 27.65
C LEU C 74 7.78 1.39 27.37
N THR C 75 7.58 0.72 26.25
CA THR C 75 8.47 -0.35 25.81
C THR C 75 9.97 -0.03 25.89
N VAL C 76 10.40 1.18 25.56
CA VAL C 76 11.79 1.51 25.70
C VAL C 76 12.29 1.51 27.17
N GLU C 77 11.46 1.92 28.13
CA GLU C 77 11.87 1.94 29.54
C GLU C 77 12.04 0.52 30.11
N SER C 78 11.11 -0.33 29.69
CA SER C 78 11.17 -1.71 29.94
C SER C 78 12.44 -2.38 29.34
N ALA C 79 12.89 -1.94 28.15
CA ALA C 79 14.07 -2.47 27.48
C ALA C 79 15.30 -2.00 28.26
N LYS C 80 15.29 -0.74 28.68
CA LYS C 80 16.36 -0.18 29.47
C LYS C 80 16.64 -0.93 30.81
N SER C 81 15.59 -1.36 31.54
CA SER C 81 15.65 -2.11 32.83
C SER C 81 16.28 -3.45 32.67
N LEU C 82 15.99 -4.06 31.51
CA LEU C 82 16.39 -5.43 31.16
C LEU C 82 17.75 -5.46 30.49
N GLY C 83 18.34 -4.33 30.26
CA GLY C 83 19.56 -4.26 29.48
C GLY C 83 19.42 -4.69 28.01
N ALA C 84 18.18 -4.64 27.44
CA ALA C 84 17.93 -4.92 25.97
C ALA C 84 18.36 -3.71 25.17
N ASN C 85 19.41 -3.80 24.33
CA ASN C 85 19.69 -2.68 23.40
C ASN C 85 19.01 -2.80 22.00
N PHE C 86 18.20 -3.83 21.84
CA PHE C 86 17.41 -4.03 20.63
C PHE C 86 16.02 -4.37 20.98
N LEU C 87 15.11 -3.95 20.11
CA LEU C 87 13.71 -4.52 20.09
C LEU C 87 13.52 -5.34 18.86
N ILE C 88 12.91 -6.47 18.92
CA ILE C 88 12.76 -7.16 17.69
C ILE C 88 11.26 -7.27 17.32
N ARG C 89 10.92 -7.00 16.07
CA ARG C 89 9.50 -6.97 15.66
C ARG C 89 9.29 -7.79 14.40
N GLY C 90 8.06 -8.32 14.22
CA GLY C 90 7.65 -8.91 12.95
C GLY C 90 6.83 -7.96 12.08
N ILE C 91 6.91 -8.14 10.76
CA ILE C 91 6.05 -7.44 9.78
C ILE C 91 5.39 -8.50 8.89
N ARG C 92 4.04 -8.47 8.81
CA ARG C 92 3.34 -9.51 8.06
C ARG C 92 2.66 -8.99 6.83
N ASN C 93 2.52 -7.66 6.72
CA ASN C 93 1.80 -7.03 5.58
C ASN C 93 1.99 -5.54 5.61
N VAL C 94 1.38 -4.83 4.66
CA VAL C 94 1.64 -3.39 4.48
C VAL C 94 1.06 -2.63 5.71
N LYS C 95 -0.08 -3.11 6.16
CA LYS C 95 -0.71 -2.51 7.29
C LYS C 95 0.22 -2.55 8.48
N ASP C 96 0.73 -3.73 8.74
CA ASP C 96 1.68 -3.98 9.83
C ASP C 96 2.97 -3.20 9.66
N TYR C 97 3.49 -3.14 8.42
CA TYR C 97 4.63 -2.34 8.12
C TYR C 97 4.43 -0.90 8.58
N GLU C 98 3.36 -0.24 8.14
CA GLU C 98 3.17 1.21 8.52
C GLU C 98 2.92 1.44 10.02
N TYR C 99 2.26 0.53 10.66
CA TYR C 99 2.03 0.61 12.10
C TYR C 99 3.37 0.35 12.94
N GLU C 100 4.16 -0.68 12.58
CA GLU C 100 5.48 -0.90 13.21
C GLU C 100 6.40 0.24 12.96
N LYS C 101 6.30 0.84 11.78
CA LYS C 101 7.19 1.92 11.44
C LYS C 101 6.98 3.18 12.32
N ASP C 102 5.72 3.54 12.52
CA ASP C 102 5.40 4.61 13.44
C ASP C 102 5.87 4.29 14.89
N ILE C 103 5.54 3.13 15.43
CA ILE C 103 6.07 2.69 16.73
C ILE C 103 7.64 2.79 16.76
N ALA C 104 8.36 2.33 15.72
CA ALA C 104 9.83 2.32 15.74
C ALA C 104 10.40 3.72 15.70
N LYS C 105 9.80 4.60 14.92
CA LYS C 105 10.23 5.98 14.90
C LYS C 105 9.92 6.70 16.21
N MET C 106 8.81 6.41 16.82
CA MET C 106 8.54 7.03 18.08
C MET C 106 9.59 6.53 19.14
N ASN C 107 9.82 5.23 19.20
CA ASN C 107 10.65 4.58 20.16
C ASN C 107 12.07 5.08 19.98
N GLN C 108 12.41 5.42 18.79
CA GLN C 108 13.68 5.98 18.52
C GLN C 108 13.83 7.47 18.89
N HIS C 109 12.73 8.24 18.81
CA HIS C 109 12.72 9.53 19.44
C HIS C 109 12.91 9.42 20.99
N LEU C 110 12.23 8.50 21.63
CA LEU C 110 12.25 8.31 23.07
C LEU C 110 13.59 7.75 23.65
N ALA C 111 14.24 6.89 22.86
CA ALA C 111 15.43 6.16 23.20
C ALA C 111 16.17 5.84 21.93
N PRO C 112 16.95 6.80 21.40
CA PRO C 112 17.76 6.63 20.18
C PRO C 112 18.95 5.60 20.26
N GLU C 113 19.25 5.11 21.44
CA GLU C 113 20.37 4.18 21.62
C GLU C 113 19.84 2.75 21.43
N ILE C 114 18.51 2.61 21.41
CA ILE C 114 17.88 1.30 21.18
C ILE C 114 17.56 1.17 19.64
N GLU C 115 17.97 0.05 19.05
CA GLU C 115 17.68 -0.22 17.60
C GLU C 115 16.45 -1.10 17.49
N THR C 116 15.51 -0.75 16.57
CA THR C 116 14.40 -1.70 16.25
C THR C 116 14.83 -2.49 15.03
N VAL C 117 14.74 -3.80 15.15
CA VAL C 117 15.17 -4.69 14.07
C VAL C 117 13.97 -5.46 13.60
N PHE C 118 13.86 -5.68 12.29
CA PHE C 118 12.69 -6.41 11.76
C PHE C 118 12.92 -7.72 11.07
N LEU C 119 12.01 -8.64 11.34
CA LEU C 119 11.87 -9.89 10.61
C LEU C 119 10.46 -9.98 9.89
N LEU C 120 10.43 -10.48 8.66
CA LEU C 120 9.20 -10.73 7.95
C LEU C 120 8.55 -12.04 8.41
N ALA C 121 7.25 -11.99 8.62
CA ALA C 121 6.47 -13.18 8.88
C ALA C 121 6.67 -14.19 7.77
N GLU C 122 6.86 -15.44 8.10
CA GLU C 122 6.94 -16.45 7.07
C GLU C 122 5.57 -16.97 6.67
N GLU C 123 5.46 -17.64 5.54
CA GLU C 123 4.26 -17.76 4.72
C GLU C 123 3.02 -18.32 5.37
N PRO C 124 3.19 -19.36 6.16
CA PRO C 124 2.08 -20.03 6.82
C PRO C 124 1.37 -19.08 7.76
N TYR C 125 2.12 -18.22 8.43
CA TYR C 125 1.57 -17.34 9.45
C TYR C 125 1.31 -15.87 9.08
N ALA C 126 1.55 -15.47 7.86
CA ALA C 126 1.42 -14.07 7.47
C ALA C 126 -0.03 -13.51 7.58
N HIS C 127 -1.02 -14.37 7.59
CA HIS C 127 -2.44 -13.92 7.73
C HIS C 127 -3.04 -14.01 9.12
N VAL C 128 -2.21 -14.42 10.05
CA VAL C 128 -2.60 -14.75 11.37
C VAL C 128 -2.32 -13.51 12.25
N SER C 129 -3.38 -12.98 12.87
CA SER C 129 -3.30 -11.98 13.98
C SER C 129 -4.05 -12.56 15.12
N SER C 130 -3.89 -11.94 16.31
CA SER C 130 -4.49 -12.53 17.51
C SER C 130 -5.98 -12.18 17.48
N SER C 131 -6.33 -11.09 16.85
CA SER C 131 -7.71 -10.70 16.74
C SER C 131 -8.54 -11.60 15.78
N LEU C 132 -7.99 -11.92 14.60
CA LEU C 132 -8.66 -12.86 13.71
C LEU C 132 -8.76 -14.24 14.36
N LEU C 133 -7.67 -14.63 14.98
CA LEU C 133 -7.58 -15.86 15.70
C LEU C 133 -8.61 -15.96 16.84
N LYS C 134 -8.82 -14.87 17.58
CA LYS C 134 -9.79 -14.89 18.67
C LYS C 134 -11.22 -14.99 18.14
N GLU C 135 -11.52 -14.26 17.06
CA GLU C 135 -12.77 -14.45 16.33
C GLU C 135 -13.03 -15.92 15.96
N VAL C 136 -12.07 -16.56 15.34
CA VAL C 136 -12.28 -17.94 14.95
C VAL C 136 -12.51 -18.83 16.17
N LEU C 137 -11.63 -18.67 17.17
CA LEU C 137 -11.66 -19.41 18.43
C LEU C 137 -13.00 -19.28 19.11
N ARG C 138 -13.57 -18.08 19.04
CA ARG C 138 -14.84 -17.81 19.66
C ARG C 138 -16.04 -18.38 18.92
N PHE C 139 -15.89 -18.73 17.64
CA PHE C 139 -16.96 -19.45 16.94
C PHE C 139 -16.67 -20.94 16.81
N GLY C 140 -15.70 -21.46 17.56
CA GLY C 140 -15.43 -22.88 17.54
C GLY C 140 -14.51 -23.36 16.44
N GLY C 141 -14.02 -22.47 15.58
CA GLY C 141 -13.10 -22.91 14.54
C GLY C 141 -11.84 -23.59 15.02
N ASP C 142 -11.37 -24.54 14.24
CA ASP C 142 -10.14 -25.26 14.52
C ASP C 142 -8.89 -24.55 13.95
N VAL C 143 -8.18 -23.84 14.85
CA VAL C 143 -6.96 -23.09 14.56
C VAL C 143 -5.81 -23.67 15.38
N SER C 144 -5.90 -24.99 15.58
CA SER C 144 -4.86 -25.67 16.38
C SER C 144 -3.51 -25.70 15.65
N ASP C 145 -3.49 -25.71 14.31
CA ASP C 145 -2.22 -25.62 13.54
C ASP C 145 -1.48 -24.31 13.76
N TYR C 146 -2.19 -23.29 14.26
CA TYR C 146 -1.62 -21.94 14.41
C TYR C 146 -1.13 -21.57 15.86
N LEU C 147 -1.35 -22.46 16.82
CA LEU C 147 -1.01 -22.18 18.22
C LEU C 147 -0.08 -23.26 18.74
N PRO C 148 0.88 -22.90 19.60
CA PRO C 148 1.70 -24.05 20.13
C PRO C 148 0.80 -25.04 20.93
N PRO C 149 1.06 -26.36 20.81
CA PRO C 149 0.19 -27.41 21.42
C PRO C 149 -0.26 -27.20 22.89
N ASN C 150 0.65 -26.75 23.75
CA ASN C 150 0.33 -26.47 25.16
C ASN C 150 -0.59 -25.27 25.39
N ILE C 151 -0.49 -24.26 24.55
CA ILE C 151 -1.40 -23.11 24.61
C ILE C 151 -2.75 -23.49 24.01
N TYR C 152 -2.76 -24.46 23.11
CA TYR C 152 -4.02 -24.95 22.59
C TYR C 152 -4.76 -25.84 23.62
N HIS C 153 -4.07 -26.83 24.18
CA HIS C 153 -4.66 -27.66 25.25
C HIS C 153 -5.13 -26.81 26.43
N ALA C 154 -4.27 -25.92 26.92
CA ALA C 154 -4.64 -24.94 27.93
C ALA C 154 -5.88 -24.13 27.59
N LEU C 155 -6.00 -23.69 26.34
CA LEU C 155 -7.16 -22.85 25.90
C LEU C 155 -8.47 -23.66 25.93
N LYS C 156 -8.37 -24.96 25.62
CA LYS C 156 -9.49 -25.90 25.71
C LYS C 156 -10.11 -25.97 27.13
N GLN C 157 -9.26 -26.25 28.15
CA GLN C 157 -9.67 -26.32 29.57
C GLN C 157 -10.33 -25.06 30.15
N LYS C 158 -10.20 -23.94 29.44
CA LYS C 158 -10.67 -22.64 29.93
C LYS C 158 -12.10 -22.30 29.44
N MET D 1 30.78 -17.90 18.29
CA MET D 1 30.81 -17.89 16.83
C MET D 1 30.17 -16.68 16.36
N ARG D 2 30.77 -16.12 15.32
CA ARG D 2 30.42 -14.85 14.79
C ARG D 2 29.06 -14.92 14.09
N LYS D 3 28.30 -13.83 14.22
CA LYS D 3 27.16 -13.57 13.34
C LYS D 3 27.64 -12.64 12.27
N ILE D 4 27.67 -13.14 11.05
CA ILE D 4 28.18 -12.37 9.96
C ILE D 4 27.03 -11.98 8.98
N ALA D 5 26.92 -10.71 8.56
CA ALA D 5 25.88 -10.25 7.60
C ALA D 5 26.58 -9.81 6.34
N LEU D 6 26.02 -10.22 5.21
CA LEU D 6 26.31 -9.65 3.95
C LEU D 6 25.23 -8.56 3.68
N PHE D 7 25.66 -7.39 3.23
CA PHE D 7 24.86 -6.34 2.84
C PHE D 7 25.07 -6.18 1.34
N PRO D 8 24.21 -6.76 0.49
CA PRO D 8 24.47 -6.69 -0.94
C PRO D 8 23.98 -5.39 -1.56
N GLY D 9 24.62 -4.96 -2.66
CA GLY D 9 24.19 -3.76 -3.38
C GLY D 9 25.06 -3.49 -4.59
N SER D 10 24.59 -2.63 -5.49
CA SER D 10 25.42 -2.19 -6.61
C SER D 10 26.09 -0.85 -6.27
N PHE D 11 25.61 -0.17 -5.22
CA PHE D 11 26.24 1.04 -4.64
C PHE D 11 26.73 2.00 -5.69
N ASP D 12 25.78 2.42 -6.53
CA ASP D 12 26.03 3.15 -7.75
C ASP D 12 25.20 4.47 -7.77
N PRO D 13 25.51 5.45 -6.89
CA PRO D 13 26.51 5.54 -5.83
C PRO D 13 26.05 5.00 -4.47
N MET D 14 27.02 4.78 -3.58
CA MET D 14 26.79 4.67 -2.16
C MET D 14 26.30 6.02 -1.62
N THR D 15 25.25 5.97 -0.82
CA THR D 15 24.63 7.18 -0.37
C THR D 15 24.80 7.15 1.11
N ASN D 16 24.49 8.28 1.75
CA ASN D 16 24.49 8.35 3.20
C ASN D 16 23.45 7.47 3.84
N GLY D 17 22.41 7.07 3.03
CA GLY D 17 21.44 6.04 3.46
C GLY D 17 22.03 4.69 3.70
N HIS D 18 22.74 4.15 2.71
CA HIS D 18 23.62 2.94 2.84
C HIS D 18 24.59 2.99 4.02
N LEU D 19 25.39 4.07 4.12
CA LEU D 19 26.27 4.33 5.27
C LEU D 19 25.54 4.22 6.59
N ASN D 20 24.42 4.95 6.69
CA ASN D 20 23.55 4.85 7.86
C ASN D 20 23.23 3.42 8.22
N LEU D 21 22.71 2.65 7.27
CA LEU D 21 22.32 1.23 7.57
C LEU D 21 23.53 0.35 7.92
N ILE D 22 24.65 0.59 7.22
CA ILE D 22 25.94 -0.04 7.51
C ILE D 22 26.36 0.25 8.98
N GLU D 23 26.42 1.54 9.34
CA GLU D 23 26.73 1.93 10.71
C GLU D 23 25.90 1.16 11.67
N ARG D 24 24.58 1.03 11.43
CA ARG D 24 23.66 0.45 12.43
C ARG D 24 23.81 -1.04 12.52
N SER D 25 24.06 -1.67 11.39
CA SER D 25 24.22 -3.14 11.39
C SER D 25 25.60 -3.56 11.92
N ALA D 26 26.61 -2.70 11.82
CA ALA D 26 27.90 -2.98 12.51
C ALA D 26 27.74 -3.14 14.01
N LYS D 27 26.70 -2.54 14.60
CA LYS D 27 26.37 -2.66 16.01
C LYS D 27 25.59 -3.91 16.28
N LEU D 28 24.96 -4.47 15.26
CA LEU D 28 24.07 -5.61 15.46
C LEU D 28 24.79 -6.91 15.13
N PHE D 29 25.73 -6.85 14.18
CA PHE D 29 26.52 -8.04 13.79
C PHE D 29 28.00 -7.98 14.21
N ASP D 30 28.57 -9.15 14.51
CA ASP D 30 30.07 -9.24 14.62
C ASP D 30 30.75 -8.68 13.43
N GLU D 31 30.32 -9.06 12.23
CA GLU D 31 30.84 -8.35 11.03
C GLU D 31 29.83 -8.10 9.93
N VAL D 32 30.13 -7.13 9.09
CA VAL D 32 29.30 -6.79 7.97
C VAL D 32 30.17 -6.77 6.74
N ILE D 33 29.80 -7.57 5.75
CA ILE D 33 30.46 -7.54 4.47
C ILE D 33 29.60 -6.75 3.46
N ILE D 34 30.15 -5.69 2.93
CA ILE D 34 29.53 -4.96 1.85
C ILE D 34 29.87 -5.66 0.51
N GLY D 35 28.92 -6.36 -0.09
CA GLY D 35 29.18 -7.00 -1.36
C GLY D 35 28.80 -6.06 -2.49
N VAL D 36 29.82 -5.54 -3.17
CA VAL D 36 29.55 -4.62 -4.28
C VAL D 36 29.44 -5.51 -5.51
N PHE D 37 28.25 -5.59 -6.09
CA PHE D 37 28.10 -6.50 -7.22
C PHE D 37 28.47 -5.73 -8.50
N ILE D 38 29.49 -6.21 -9.22
CA ILE D 38 30.08 -5.44 -10.37
C ILE D 38 29.48 -5.67 -11.79
N LEU D 45 31.07 3.66 -15.22
CA LEU D 45 31.52 4.80 -14.43
C LEU D 45 32.86 4.58 -13.65
N PHE D 46 32.95 3.48 -12.90
CA PHE D 46 34.15 3.14 -12.10
C PHE D 46 34.54 1.66 -12.18
N THR D 47 35.78 1.34 -12.57
CA THR D 47 36.22 -0.07 -12.53
C THR D 47 36.07 -0.60 -11.09
N PRO D 48 35.74 -1.90 -10.94
CA PRO D 48 35.55 -2.50 -9.62
C PRO D 48 36.40 -1.85 -8.53
N GLU D 49 37.72 -1.79 -8.72
CA GLU D 49 38.64 -1.41 -7.65
C GLU D 49 38.72 0.10 -7.36
N GLU D 50 37.92 0.88 -8.11
CA GLU D 50 37.63 2.28 -7.79
C GLU D 50 36.46 2.35 -6.81
N LYS D 51 35.33 1.72 -7.17
CA LYS D 51 34.19 1.56 -6.27
C LYS D 51 34.62 0.93 -4.95
N LYS D 52 35.46 -0.11 -5.01
CA LYS D 52 36.02 -0.69 -3.79
C LYS D 52 36.76 0.38 -2.99
N TYR D 53 37.57 1.18 -3.68
CA TYR D 53 38.35 2.19 -2.96
C TYR D 53 37.43 3.13 -2.19
N LEU D 54 36.42 3.67 -2.89
CA LEU D 54 35.48 4.66 -2.31
C LEU D 54 34.72 4.09 -1.10
N ILE D 55 34.25 2.87 -1.23
CA ILE D 55 33.44 2.26 -0.23
C ILE D 55 34.29 1.93 1.01
N GLU D 56 35.54 1.51 0.83
CA GLU D 56 36.45 1.32 1.99
C GLU D 56 36.82 2.66 2.65
N GLU D 57 37.16 3.67 1.83
CA GLU D 57 37.38 5.04 2.27
C GLU D 57 36.19 5.49 3.10
N ALA D 58 34.98 5.46 2.51
CA ALA D 58 33.73 5.82 3.24
C ALA D 58 33.47 5.04 4.55
N THR D 59 33.92 3.80 4.65
CA THR D 59 33.60 2.94 5.82
C THR D 59 34.78 2.72 6.80
N LYS D 60 35.87 3.44 6.53
CA LYS D 60 37.17 3.28 7.23
C LYS D 60 37.11 3.25 8.77
N GLU D 61 36.25 4.09 9.35
CA GLU D 61 36.19 4.23 10.83
C GLU D 61 35.44 3.13 11.55
N MET D 62 34.97 2.14 10.80
CA MET D 62 34.20 1.03 11.38
C MET D 62 35.01 -0.22 11.25
N PRO D 63 35.48 -0.77 12.38
CA PRO D 63 36.46 -1.84 12.22
C PRO D 63 35.87 -3.23 11.74
N ASN D 64 34.66 -3.63 12.18
CA ASN D 64 34.02 -4.87 11.74
C ASN D 64 33.33 -4.82 10.33
N VAL D 65 33.74 -3.86 9.52
CA VAL D 65 33.16 -3.70 8.19
C VAL D 65 34.26 -3.89 7.15
N ARG D 66 34.02 -4.79 6.16
CA ARG D 66 34.91 -5.07 5.01
C ARG D 66 34.14 -4.88 3.68
N VAL D 67 34.84 -4.61 2.58
CA VAL D 67 34.25 -4.47 1.26
C VAL D 67 34.83 -5.51 0.33
N ILE D 68 33.98 -6.16 -0.48
CA ILE D 68 34.37 -7.22 -1.42
C ILE D 68 33.63 -7.01 -2.74
N MET D 69 34.39 -6.99 -3.85
CA MET D 69 33.80 -7.01 -5.16
C MET D 69 33.23 -8.40 -5.37
N GLN D 70 32.07 -8.46 -6.01
CA GLN D 70 31.54 -9.74 -6.35
C GLN D 70 31.03 -9.63 -7.77
N GLU D 71 31.63 -10.46 -8.62
CA GLU D 71 31.17 -10.62 -9.99
C GLU D 71 29.78 -11.16 -9.77
N THR D 72 28.88 -10.68 -10.60
CA THR D 72 27.46 -10.89 -10.38
C THR D 72 27.12 -12.41 -10.33
N GLN D 73 26.45 -12.79 -9.23
CA GLN D 73 25.95 -14.15 -8.99
C GLN D 73 24.82 -14.07 -7.97
N LEU D 74 24.22 -15.21 -7.67
CA LEU D 74 23.23 -15.37 -6.63
C LEU D 74 23.76 -14.86 -5.30
N THR D 75 23.05 -13.86 -4.78
CA THR D 75 23.39 -13.30 -3.47
C THR D 75 23.64 -14.37 -2.38
N VAL D 76 22.78 -15.39 -2.32
CA VAL D 76 22.91 -16.36 -1.26
C VAL D 76 24.20 -17.26 -1.43
N GLU D 77 24.70 -17.36 -2.67
CA GLU D 77 25.87 -18.18 -2.99
C GLU D 77 27.09 -17.42 -2.52
N SER D 78 27.05 -16.13 -2.77
CA SER D 78 28.05 -15.27 -2.31
C SER D 78 28.09 -15.24 -0.74
N ALA D 79 26.96 -15.27 -0.03
CA ALA D 79 26.98 -15.27 1.43
C ALA D 79 27.50 -16.61 2.00
N LYS D 80 26.96 -17.75 1.50
CA LYS D 80 27.45 -19.09 1.80
C LYS D 80 29.00 -19.14 1.69
N SER D 81 29.52 -18.67 0.57
CA SER D 81 30.93 -18.84 0.37
C SER D 81 31.75 -17.97 1.32
N LEU D 82 31.06 -17.08 2.07
CA LEU D 82 31.77 -16.18 2.99
C LEU D 82 31.42 -16.54 4.41
N GLY D 83 30.68 -17.60 4.64
CA GLY D 83 30.18 -17.87 5.97
C GLY D 83 29.16 -16.87 6.58
N ALA D 84 28.60 -15.96 5.74
CA ALA D 84 27.51 -15.00 6.18
C ALA D 84 26.20 -15.70 6.27
N ASN D 85 25.69 -15.97 7.49
CA ASN D 85 24.40 -16.60 7.67
C ASN D 85 23.20 -15.57 7.72
N PHE D 86 23.51 -14.29 7.47
CA PHE D 86 22.55 -13.20 7.49
C PHE D 86 22.72 -12.29 6.31
N LEU D 87 21.58 -11.87 5.76
CA LEU D 87 21.51 -10.81 4.77
C LEU D 87 20.87 -9.62 5.50
N ILE D 88 21.38 -8.44 5.25
CA ILE D 88 20.83 -7.28 5.92
C ILE D 88 20.44 -6.36 4.81
N ARG D 89 19.18 -5.91 4.86
CA ARG D 89 18.60 -4.97 3.88
C ARG D 89 17.87 -3.79 4.54
N GLY D 90 17.69 -2.70 3.81
CA GLY D 90 16.87 -1.60 4.32
C GLY D 90 15.50 -1.66 3.64
N ILE D 91 14.51 -1.09 4.32
CA ILE D 91 13.18 -0.78 3.76
C ILE D 91 12.90 0.71 3.93
N ARG D 92 12.71 1.41 2.82
CA ARG D 92 12.38 2.82 2.93
C ARG D 92 10.87 3.20 2.66
N ASN D 93 10.07 2.35 1.99
CA ASN D 93 8.65 2.62 1.68
C ASN D 93 7.90 1.34 1.31
N VAL D 94 6.60 1.45 1.00
CA VAL D 94 5.76 0.27 0.70
C VAL D 94 6.26 -0.48 -0.51
N LYS D 95 6.57 0.24 -1.55
CA LYS D 95 7.18 -0.34 -2.70
C LYS D 95 8.47 -1.18 -2.37
N ASP D 96 9.36 -0.60 -1.58
CA ASP D 96 10.59 -1.24 -1.12
C ASP D 96 10.32 -2.47 -0.30
N TYR D 97 9.37 -2.38 0.64
CA TYR D 97 8.90 -3.54 1.38
C TYR D 97 8.52 -4.75 0.55
N GLU D 98 7.63 -4.55 -0.42
CA GLU D 98 7.20 -5.66 -1.29
C GLU D 98 8.34 -6.15 -2.19
N TYR D 99 9.19 -5.26 -2.71
CA TYR D 99 10.29 -5.68 -3.57
C TYR D 99 11.30 -6.56 -2.76
N GLU D 100 11.79 -6.01 -1.65
CA GLU D 100 12.58 -6.77 -0.66
C GLU D 100 11.92 -8.00 -0.17
N LYS D 101 10.61 -7.96 0.10
CA LYS D 101 9.97 -9.16 0.60
C LYS D 101 9.99 -10.30 -0.44
N ASP D 102 9.73 -9.98 -1.71
CA ASP D 102 9.80 -11.07 -2.73
C ASP D 102 11.23 -11.65 -2.82
N ILE D 103 12.24 -10.79 -2.86
CA ILE D 103 13.65 -11.19 -2.81
C ILE D 103 14.01 -12.06 -1.63
N ALA D 104 13.49 -11.74 -0.43
CA ALA D 104 13.71 -12.57 0.76
C ALA D 104 13.03 -13.94 0.76
N LYS D 105 11.80 -14.02 0.26
CA LYS D 105 11.15 -15.31 0.12
C LYS D 105 11.87 -16.19 -0.92
N MET D 106 12.35 -15.60 -1.99
CA MET D 106 13.12 -16.34 -2.98
C MET D 106 14.44 -16.85 -2.33
N ASN D 107 15.24 -15.96 -1.74
CA ASN D 107 16.45 -16.36 -0.97
C ASN D 107 16.21 -17.40 0.14
N GLN D 108 15.01 -17.41 0.73
CA GLN D 108 14.71 -18.41 1.71
C GLN D 108 14.50 -19.77 1.06
N HIS D 109 13.87 -19.78 -0.12
CA HIS D 109 13.73 -21.02 -0.85
C HIS D 109 15.13 -21.60 -1.26
N LEU D 110 16.00 -20.73 -1.78
CA LEU D 110 17.32 -21.02 -2.27
C LEU D 110 18.27 -21.43 -1.15
N ALA D 111 18.23 -20.71 -0.02
CA ALA D 111 19.13 -20.94 1.13
C ALA D 111 18.40 -20.71 2.43
N PRO D 112 17.56 -21.69 2.88
CA PRO D 112 16.69 -21.59 4.04
C PRO D 112 17.39 -21.36 5.35
N GLU D 113 18.72 -21.53 5.34
CA GLU D 113 19.46 -21.47 6.59
C GLU D 113 20.02 -20.03 6.69
N ILE D 114 19.92 -19.27 5.61
CA ILE D 114 20.27 -17.86 5.66
C ILE D 114 19.03 -16.92 5.98
N GLU D 115 19.26 -15.95 6.86
CA GLU D 115 18.18 -15.19 7.40
C GLU D 115 18.33 -13.77 6.89
N THR D 116 17.31 -13.26 6.18
CA THR D 116 17.25 -11.82 5.84
C THR D 116 16.73 -11.02 7.06
N VAL D 117 17.44 -9.93 7.38
CA VAL D 117 17.16 -9.09 8.55
C VAL D 117 16.93 -7.69 8.03
N PHE D 118 15.91 -6.99 8.55
CA PHE D 118 15.59 -5.62 8.08
C PHE D 118 15.73 -4.54 9.12
N LEU D 119 16.22 -3.41 8.61
CA LEU D 119 16.21 -2.15 9.35
C LEU D 119 15.44 -1.13 8.47
N LEU D 120 14.67 -0.25 9.11
CA LEU D 120 13.99 0.84 8.37
C LEU D 120 14.90 1.99 8.10
N ALA D 121 14.73 2.62 6.95
CA ALA D 121 15.56 3.72 6.59
C ALA D 121 15.25 4.90 7.55
N GLU D 122 16.24 5.77 7.77
CA GLU D 122 16.07 6.92 8.67
C GLU D 122 15.53 8.06 7.89
N GLU D 123 14.82 8.95 8.61
CA GLU D 123 13.88 9.92 7.98
C GLU D 123 14.48 10.78 6.84
N PRO D 124 15.72 11.33 7.08
CA PRO D 124 16.31 12.20 6.02
C PRO D 124 16.60 11.41 4.73
N TYR D 125 16.63 10.07 4.81
CA TYR D 125 17.03 9.21 3.69
C TYR D 125 15.91 8.35 3.08
N ALA D 126 14.73 8.34 3.72
CA ALA D 126 13.63 7.50 3.25
C ALA D 126 13.18 7.76 1.80
N HIS D 127 13.44 8.96 1.25
CA HIS D 127 13.06 9.25 -0.14
C HIS D 127 14.18 9.14 -1.15
N VAL D 128 15.34 8.68 -0.68
CA VAL D 128 16.55 8.73 -1.48
C VAL D 128 16.74 7.32 -2.08
N SER D 129 16.73 7.27 -3.42
CA SER D 129 17.17 6.10 -4.21
C SER D 129 18.08 6.59 -5.32
N SER D 130 19.13 5.79 -5.59
CA SER D 130 20.18 6.05 -6.61
C SER D 130 19.65 6.49 -7.97
N SER D 131 18.49 5.99 -8.35
CA SER D 131 17.87 6.40 -9.60
C SER D 131 17.46 7.91 -9.62
N LEU D 132 16.96 8.40 -8.47
CA LEU D 132 16.47 9.79 -8.33
C LEU D 132 17.66 10.70 -8.08
N LEU D 133 18.59 10.23 -7.23
CA LEU D 133 19.96 10.80 -7.08
C LEU D 133 20.64 11.06 -8.44
N LYS D 134 20.77 10.01 -9.24
CA LYS D 134 21.43 10.09 -10.54
C LYS D 134 20.73 11.03 -11.48
N GLU D 135 19.39 11.04 -11.49
CA GLU D 135 18.65 11.97 -12.36
C GLU D 135 18.92 13.41 -11.96
N VAL D 136 19.04 13.62 -10.65
CA VAL D 136 19.33 14.92 -10.10
C VAL D 136 20.82 15.31 -10.34
N LEU D 137 21.76 14.41 -10.05
CA LEU D 137 23.17 14.59 -10.49
C LEU D 137 23.32 15.01 -11.94
N ARG D 138 22.69 14.25 -12.83
CA ARG D 138 22.62 14.57 -14.26
C ARG D 138 22.14 15.98 -14.66
N PHE D 139 21.15 16.54 -13.95
CA PHE D 139 20.75 17.90 -14.25
C PHE D 139 21.46 18.92 -13.36
N GLY D 140 22.47 18.50 -12.62
CA GLY D 140 23.30 19.43 -11.88
C GLY D 140 22.89 19.76 -10.44
N GLY D 141 21.73 19.28 -9.99
CA GLY D 141 21.25 19.64 -8.67
C GLY D 141 22.24 19.24 -7.61
N ASP D 142 22.21 19.96 -6.49
CA ASP D 142 23.08 19.73 -5.35
C ASP D 142 22.56 18.65 -4.34
N VAL D 143 23.06 17.43 -4.49
CA VAL D 143 22.69 16.30 -3.62
C VAL D 143 23.82 15.89 -2.68
N SER D 144 24.75 16.84 -2.60
CA SER D 144 25.93 16.74 -1.76
C SER D 144 25.61 16.34 -0.31
N ASP D 145 24.45 16.75 0.24
CA ASP D 145 23.97 16.25 1.56
C ASP D 145 23.64 14.73 1.59
N TYR D 146 23.41 14.13 0.42
CA TYR D 146 23.02 12.70 0.37
C TYR D 146 24.15 11.67 0.14
N LEU D 147 25.37 12.18 -0.07
CA LEU D 147 26.52 11.39 -0.49
C LEU D 147 27.63 11.56 0.53
N PRO D 148 28.33 10.46 0.87
CA PRO D 148 29.56 10.65 1.67
C PRO D 148 30.52 11.57 0.88
N PRO D 149 31.20 12.51 1.57
CA PRO D 149 32.09 13.49 0.91
C PRO D 149 33.13 12.87 -0.08
N ASN D 150 33.82 11.79 0.27
CA ASN D 150 34.70 11.15 -0.75
C ASN D 150 34.02 10.85 -2.08
N ILE D 151 32.85 10.21 -1.97
CA ILE D 151 31.98 9.90 -3.10
C ILE D 151 31.54 11.18 -3.86
N TYR D 152 31.20 12.25 -3.14
CA TYR D 152 30.83 13.51 -3.82
C TYR D 152 32.03 14.07 -4.60
N HIS D 153 33.21 14.08 -3.95
CA HIS D 153 34.42 14.68 -4.57
C HIS D 153 34.91 13.84 -5.78
N ALA D 154 34.89 12.51 -5.63
CA ALA D 154 35.26 11.60 -6.72
C ALA D 154 34.38 11.80 -7.94
N LEU D 155 33.17 12.28 -7.70
CA LEU D 155 32.08 12.26 -8.67
C LEU D 155 32.01 13.49 -9.57
N LYS D 156 32.75 14.53 -9.22
CA LYS D 156 32.88 15.73 -10.07
C LYS D 156 33.50 15.46 -11.45
N GLN D 157 34.27 14.37 -11.53
CA GLN D 157 34.91 13.93 -12.78
C GLN D 157 33.91 13.23 -13.72
N LYS D 158 32.90 13.98 -14.19
CA LYS D 158 31.72 13.38 -14.84
C LYS D 158 31.75 13.42 -16.39
N MET E 1 -11.62 30.74 -7.54
CA MET E 1 -12.59 31.16 -6.46
C MET E 1 -11.89 31.73 -5.27
N ARG E 2 -12.60 32.40 -4.35
CA ARG E 2 -11.92 33.12 -3.22
C ARG E 2 -11.03 32.15 -2.44
N LYS E 3 -9.81 32.58 -2.13
CA LYS E 3 -8.87 31.65 -1.53
C LYS E 3 -9.08 31.54 -0.07
N ILE E 4 -10.21 30.92 0.31
CA ILE E 4 -10.55 30.65 1.73
C ILE E 4 -10.66 29.12 2.07
N ALA E 5 -9.86 28.65 3.02
CA ALA E 5 -9.70 27.23 3.28
C ALA E 5 -10.12 26.99 4.74
N LEU E 6 -10.85 25.91 4.94
CA LEU E 6 -11.03 25.32 6.27
C LEU E 6 -10.00 24.20 6.46
N PHE E 7 -9.25 24.23 7.56
CA PHE E 7 -8.45 23.15 8.09
C PHE E 7 -9.13 22.51 9.29
N PRO E 8 -9.91 21.42 9.04
CA PRO E 8 -10.76 20.79 10.04
C PRO E 8 -10.01 19.78 10.97
N GLY E 9 -10.39 19.66 12.23
CA GLY E 9 -9.70 18.74 13.09
C GLY E 9 -10.28 18.80 14.48
N SER E 10 -9.92 17.82 15.31
CA SER E 10 -10.24 17.92 16.71
C SER E 10 -9.08 18.47 17.53
N PHE E 11 -7.89 18.56 16.94
CA PHE E 11 -6.73 19.20 17.59
C PHE E 11 -6.63 18.92 19.10
N ASP E 12 -6.67 17.63 19.44
CA ASP E 12 -6.56 17.11 20.82
C ASP E 12 -5.38 16.14 21.03
N PRO E 13 -4.16 16.65 21.14
CA PRO E 13 -3.74 18.03 21.05
C PRO E 13 -3.39 18.38 19.62
N MET E 14 -3.31 19.68 19.36
CA MET E 14 -2.71 20.15 18.18
C MET E 14 -1.23 19.78 18.35
N THR E 15 -0.58 19.35 17.25
CA THR E 15 0.83 18.97 17.25
C THR E 15 1.61 19.96 16.39
N ASN E 16 2.94 19.87 16.35
CA ASN E 16 3.76 20.65 15.40
C ASN E 16 3.57 20.23 13.98
N GLY E 17 3.05 19.01 13.79
CA GLY E 17 2.57 18.56 12.48
C GLY E 17 1.48 19.46 11.91
N HIS E 18 0.39 19.58 12.65
CA HIS E 18 -0.67 20.54 12.36
C HIS E 18 -0.16 21.93 12.10
N LEU E 19 0.70 22.42 12.98
CA LEU E 19 1.23 23.79 12.90
C LEU E 19 1.99 23.98 11.65
N ASN E 20 2.83 23.00 11.32
CA ASN E 20 3.53 22.98 10.01
C ASN E 20 2.63 23.08 8.78
N LEU E 21 1.55 22.35 8.75
CA LEU E 21 0.56 22.39 7.63
C LEU E 21 -0.21 23.71 7.55
N ILE E 22 -0.62 24.24 8.69
CA ILE E 22 -1.23 25.62 8.77
C ILE E 22 -0.22 26.68 8.30
N GLU E 23 1.02 26.61 8.77
CA GLU E 23 2.02 27.60 8.28
C GLU E 23 2.20 27.51 6.79
N ARG E 24 2.35 26.30 6.23
CA ARG E 24 2.44 26.18 4.73
C ARG E 24 1.14 26.52 4.10
N SER E 25 -0.01 26.22 4.71
CA SER E 25 -1.18 26.62 3.94
C SER E 25 -1.50 28.13 3.99
N ALA E 26 -1.05 28.76 5.06
CA ALA E 26 -1.13 30.20 5.24
C ALA E 26 -0.38 30.92 4.16
N LYS E 27 0.60 30.25 3.52
CA LYS E 27 1.28 30.84 2.28
C LYS E 27 0.52 30.72 0.97
N LEU E 28 -0.51 29.89 0.95
CA LEU E 28 -1.21 29.48 -0.26
C LEU E 28 -2.61 30.06 -0.36
N PHE E 29 -3.23 30.27 0.78
CA PHE E 29 -4.56 30.84 0.81
C PHE E 29 -4.57 32.29 1.41
N ASP E 30 -5.57 33.10 0.99
CA ASP E 30 -5.81 34.43 1.62
C ASP E 30 -6.30 34.30 3.04
N GLU E 31 -6.92 33.16 3.39
CA GLU E 31 -7.43 33.03 4.73
C GLU E 31 -7.50 31.52 5.13
N VAL E 32 -6.95 31.13 6.28
CA VAL E 32 -7.06 29.78 6.71
C VAL E 32 -7.86 29.77 8.00
N ILE E 33 -8.99 29.05 7.97
CA ILE E 33 -9.75 28.76 9.19
C ILE E 33 -9.34 27.45 9.86
N ILE E 34 -8.87 27.50 11.10
CA ILE E 34 -8.72 26.34 11.92
C ILE E 34 -10.06 25.99 12.56
N GLY E 35 -10.68 24.89 12.12
CA GLY E 35 -12.02 24.57 12.51
C GLY E 35 -11.90 23.51 13.57
N VAL E 36 -12.31 23.81 14.81
CA VAL E 36 -11.98 22.92 15.94
C VAL E 36 -13.28 22.27 16.35
N PHE E 37 -13.43 20.98 16.03
CA PHE E 37 -14.71 20.33 16.15
C PHE E 37 -14.82 19.69 17.51
N ILE E 38 -15.87 20.09 18.25
CA ILE E 38 -16.11 19.61 19.63
C ILE E 38 -17.32 18.65 19.73
N LEU E 45 -11.32 17.11 29.40
CA LEU E 45 -9.93 17.55 29.63
C LEU E 45 -9.79 19.09 29.57
N PHE E 46 -10.17 19.67 28.42
CA PHE E 46 -10.18 21.14 28.16
C PHE E 46 -11.58 21.57 27.77
N THR E 47 -12.05 22.72 28.26
CA THR E 47 -13.29 23.25 27.68
C THR E 47 -12.98 23.76 26.25
N PRO E 48 -14.02 23.89 25.40
CA PRO E 48 -13.88 24.57 24.12
C PRO E 48 -13.03 25.85 24.14
N GLU E 49 -13.25 26.73 25.11
CA GLU E 49 -12.61 28.03 25.18
C GLU E 49 -11.14 27.90 25.62
N GLU E 50 -10.82 26.82 26.33
CA GLU E 50 -9.44 26.54 26.65
C GLU E 50 -8.71 26.13 25.37
N LYS E 51 -9.18 25.04 24.73
CA LYS E 51 -8.74 24.68 23.36
C LYS E 51 -8.57 25.89 22.44
N LYS E 52 -9.57 26.77 22.35
CA LYS E 52 -9.51 27.98 21.50
C LYS E 52 -8.31 28.89 21.76
N TYR E 53 -8.06 29.14 23.04
CA TYR E 53 -6.99 30.05 23.46
C TYR E 53 -5.59 29.38 23.28
N LEU E 54 -5.50 28.11 23.63
CA LEU E 54 -4.29 27.35 23.32
C LEU E 54 -3.95 27.37 21.82
N ILE E 55 -4.93 27.13 20.96
CA ILE E 55 -4.64 27.09 19.50
C ILE E 55 -4.39 28.45 18.86
N GLU E 56 -5.13 29.47 19.32
CA GLU E 56 -4.88 30.88 18.95
C GLU E 56 -3.49 31.36 19.38
N GLU E 57 -3.14 31.07 20.63
CA GLU E 57 -1.79 31.33 21.10
C GLU E 57 -0.74 30.60 20.26
N ALA E 58 -1.04 29.38 19.82
CA ALA E 58 -0.05 28.62 19.05
C ALA E 58 0.08 29.16 17.66
N THR E 59 -0.92 29.87 17.13
CA THR E 59 -0.91 30.32 15.73
C THR E 59 -0.81 31.84 15.51
N LYS E 60 -0.57 32.57 16.61
CA LYS E 60 -0.69 34.04 16.65
C LYS E 60 0.21 34.81 15.70
N GLU E 61 1.27 34.19 15.18
CA GLU E 61 2.20 34.91 14.34
C GLU E 61 1.83 34.85 12.84
N MET E 62 0.61 34.36 12.53
CA MET E 62 0.11 34.31 11.15
C MET E 62 -1.13 35.19 11.02
N PRO E 63 -1.02 36.31 10.30
CA PRO E 63 -2.11 37.29 10.23
C PRO E 63 -3.33 36.79 9.48
N ASN E 64 -3.15 35.78 8.61
CA ASN E 64 -4.25 35.25 7.81
C ASN E 64 -4.80 33.91 8.31
N VAL E 65 -4.54 33.57 9.57
CA VAL E 65 -5.10 32.40 10.20
C VAL E 65 -6.14 32.75 11.29
N ARG E 66 -7.26 32.05 11.32
CA ARG E 66 -8.13 32.20 12.46
C ARG E 66 -8.79 30.91 13.00
N VAL E 67 -9.26 30.96 14.22
CA VAL E 67 -9.64 29.79 14.95
C VAL E 67 -11.13 29.89 15.29
N ILE E 68 -11.96 28.91 14.90
CA ILE E 68 -13.39 28.94 15.05
C ILE E 68 -13.80 27.60 15.61
N MET E 69 -14.39 27.58 16.79
CA MET E 69 -14.90 26.33 17.34
C MET E 69 -16.15 25.96 16.57
N GLN E 70 -16.37 24.67 16.37
CA GLN E 70 -17.60 24.20 15.68
C GLN E 70 -18.12 23.00 16.42
N GLU E 71 -19.42 22.84 16.51
CA GLU E 71 -19.87 21.55 16.96
C GLU E 71 -19.80 20.55 15.81
N THR E 72 -19.65 19.26 16.14
CA THR E 72 -19.45 18.20 15.16
C THR E 72 -20.63 18.21 14.20
N GLN E 73 -20.32 18.05 12.92
CA GLN E 73 -21.27 18.15 11.88
C GLN E 73 -20.52 17.77 10.63
N LEU E 74 -21.20 17.74 9.49
CA LEU E 74 -20.53 17.49 8.24
C LEU E 74 -19.53 18.62 7.98
N THR E 75 -18.27 18.26 7.89
CA THR E 75 -17.23 19.19 7.49
C THR E 75 -17.62 20.17 6.37
N VAL E 76 -18.31 19.71 5.31
CA VAL E 76 -18.62 20.60 4.18
C VAL E 76 -19.69 21.62 4.51
N GLU E 77 -20.53 21.41 5.49
CA GLU E 77 -21.40 22.49 5.80
C GLU E 77 -20.90 23.49 6.78
N SER E 78 -20.02 23.01 7.65
CA SER E 78 -19.15 23.88 8.36
C SER E 78 -18.43 24.81 7.35
N ALA E 79 -17.78 24.26 6.33
CA ALA E 79 -17.12 25.03 5.29
C ALA E 79 -18.08 26.05 4.70
N LYS E 80 -19.27 25.61 4.33
CA LYS E 80 -20.26 26.45 3.63
C LYS E 80 -20.79 27.61 4.49
N SER E 81 -21.15 27.34 5.74
CA SER E 81 -21.46 28.33 6.78
C SER E 81 -20.41 29.43 6.97
N LEU E 82 -19.12 29.04 6.87
CA LEU E 82 -17.98 29.96 7.11
C LEU E 82 -17.50 30.61 5.82
N GLY E 83 -18.03 30.19 4.68
CA GLY E 83 -17.57 30.76 3.43
C GLY E 83 -16.23 30.23 2.89
N ALA E 84 -15.80 29.03 3.30
CA ALA E 84 -14.61 28.39 2.67
C ALA E 84 -14.95 27.63 1.43
N ASN E 85 -14.07 27.78 0.48
CA ASN E 85 -14.19 27.17 -0.82
C ASN E 85 -13.26 25.96 -0.95
N PHE E 86 -12.33 25.79 -0.01
CA PHE E 86 -11.30 24.72 -0.07
C PHE E 86 -11.26 24.07 1.25
N LEU E 87 -10.95 22.78 1.27
CA LEU E 87 -10.64 22.12 2.52
C LEU E 87 -9.14 21.77 2.39
N ILE E 88 -8.37 21.91 3.43
CA ILE E 88 -6.99 21.59 3.30
C ILE E 88 -6.72 20.41 4.26
N ARG E 89 -6.09 19.35 3.76
CA ARG E 89 -5.70 18.18 4.60
C ARG E 89 -4.26 17.77 4.41
N GLY E 90 -3.74 17.00 5.34
CA GLY E 90 -2.41 16.54 5.17
C GLY E 90 -2.44 15.06 4.98
N ILE E 91 -1.45 14.53 4.28
CA ILE E 91 -1.25 13.10 4.13
C ILE E 91 0.10 12.70 4.69
N ARG E 92 0.12 11.74 5.64
CA ARG E 92 1.43 11.31 6.21
C ARG E 92 1.95 9.94 5.78
N ASN E 93 1.09 9.08 5.25
CA ASN E 93 1.41 7.66 4.92
C ASN E 93 0.27 7.03 4.04
N VAL E 94 0.40 5.76 3.65
CA VAL E 94 -0.53 5.16 2.73
C VAL E 94 -1.89 4.97 3.36
N LYS E 95 -1.95 4.50 4.64
CA LYS E 95 -3.16 4.42 5.42
C LYS E 95 -3.95 5.76 5.37
N ASP E 96 -3.25 6.84 5.69
CA ASP E 96 -3.75 8.19 5.73
C ASP E 96 -4.19 8.63 4.36
N TYR E 97 -3.43 8.33 3.32
CA TYR E 97 -3.86 8.68 1.92
C TYR E 97 -5.22 8.00 1.59
N GLU E 98 -5.36 6.69 1.92
CA GLU E 98 -6.60 5.99 1.57
C GLU E 98 -7.82 6.53 2.35
N TYR E 99 -7.62 6.81 3.63
CA TYR E 99 -8.60 7.38 4.52
C TYR E 99 -9.04 8.81 4.08
N GLU E 100 -8.11 9.72 3.81
CA GLU E 100 -8.45 11.05 3.26
C GLU E 100 -9.07 11.00 1.89
N LYS E 101 -8.66 10.04 1.06
CA LYS E 101 -9.20 9.97 -0.27
C LYS E 101 -10.73 9.69 -0.27
N ASP E 102 -11.15 8.71 0.48
CA ASP E 102 -12.55 8.38 0.69
C ASP E 102 -13.33 9.59 1.27
N ILE E 103 -12.78 10.24 2.28
CA ILE E 103 -13.38 11.48 2.79
C ILE E 103 -13.54 12.59 1.73
N ALA E 104 -12.53 12.76 0.92
CA ALA E 104 -12.53 13.79 -0.07
C ALA E 104 -13.51 13.49 -1.19
N LYS E 105 -13.64 12.20 -1.51
CA LYS E 105 -14.59 11.75 -2.55
C LYS E 105 -16.05 11.88 -2.01
N MET E 106 -16.29 11.48 -0.78
CA MET E 106 -17.58 11.71 -0.17
C MET E 106 -17.87 13.24 -0.13
N ASN E 107 -16.89 14.06 0.31
CA ASN E 107 -17.14 15.51 0.44
C ASN E 107 -17.47 16.12 -0.91
N GLN E 108 -16.84 15.61 -1.96
CA GLN E 108 -17.07 16.04 -3.31
C GLN E 108 -18.47 15.69 -3.84
N HIS E 109 -18.93 14.47 -3.50
CA HIS E 109 -20.33 14.12 -3.60
C HIS E 109 -21.31 15.15 -2.94
N LEU E 110 -21.05 15.43 -1.67
CA LEU E 110 -21.92 16.24 -0.84
C LEU E 110 -21.87 17.73 -1.24
N ALA E 111 -20.70 18.20 -1.66
CA ALA E 111 -20.51 19.61 -1.95
C ALA E 111 -19.48 19.76 -3.03
N PRO E 112 -19.87 19.46 -4.27
CA PRO E 112 -19.00 19.45 -5.45
C PRO E 112 -18.24 20.75 -5.71
N GLU E 113 -18.66 21.85 -5.08
CA GLU E 113 -18.08 23.16 -5.41
C GLU E 113 -16.95 23.48 -4.45
N ILE E 114 -16.79 22.62 -3.46
CA ILE E 114 -15.70 22.74 -2.49
C ILE E 114 -14.56 21.75 -2.90
N GLU E 115 -13.36 22.28 -3.10
CA GLU E 115 -12.20 21.52 -3.46
C GLU E 115 -11.34 21.11 -2.27
N THR E 116 -11.06 19.81 -2.10
CA THR E 116 -10.06 19.38 -1.12
C THR E 116 -8.64 19.42 -1.69
N VAL E 117 -7.71 19.97 -0.92
CA VAL E 117 -6.35 20.20 -1.38
C VAL E 117 -5.45 19.52 -0.37
N PHE E 118 -4.40 18.84 -0.82
CA PHE E 118 -3.50 18.12 0.07
C PHE E 118 -2.07 18.61 0.17
N LEU E 119 -1.52 18.53 1.37
CA LEU E 119 -0.12 18.74 1.58
C LEU E 119 0.47 17.48 2.21
N LEU E 120 1.67 17.09 1.82
CA LEU E 120 2.32 15.95 2.47
C LEU E 120 2.95 16.34 3.82
N ALA E 121 2.84 15.48 4.83
CA ALA E 121 3.51 15.69 6.12
C ALA E 121 5.00 15.86 5.90
N GLU E 122 5.59 16.85 6.58
CA GLU E 122 7.05 17.07 6.59
C GLU E 122 7.64 16.00 7.50
N GLU E 123 8.79 15.47 7.13
CA GLU E 123 9.14 14.09 7.63
C GLU E 123 9.45 13.89 9.11
N PRO E 124 9.85 14.99 9.86
CA PRO E 124 9.93 14.84 11.33
C PRO E 124 8.59 14.49 12.02
N TYR E 125 7.46 14.89 11.41
CA TYR E 125 6.12 14.59 11.94
C TYR E 125 5.36 13.54 11.16
N ALA E 126 5.89 13.07 10.03
CA ALA E 126 5.26 11.95 9.30
C ALA E 126 4.77 10.75 10.11
N HIS E 127 5.39 10.47 11.26
CA HIS E 127 4.93 9.34 12.11
C HIS E 127 4.06 9.76 13.31
N VAL E 128 3.69 11.01 13.34
CA VAL E 128 2.97 11.52 14.47
C VAL E 128 1.50 11.56 14.26
N SER E 129 0.79 10.96 15.18
CA SER E 129 -0.65 10.86 15.17
C SER E 129 -1.21 11.13 16.54
N SER E 130 -2.47 11.43 16.56
CA SER E 130 -3.13 11.71 17.78
C SER E 130 -3.14 10.56 18.72
N SER E 131 -3.42 9.38 18.23
CA SER E 131 -3.52 8.23 19.10
C SER E 131 -2.20 7.84 19.74
N LEU E 132 -1.16 7.89 18.96
CA LEU E 132 0.21 7.56 19.39
C LEU E 132 0.80 8.61 20.34
N LEU E 133 0.57 9.89 20.06
CA LEU E 133 1.00 10.95 20.98
C LEU E 133 0.39 10.81 22.37
N LYS E 134 -0.90 10.49 22.45
CA LYS E 134 -1.57 10.45 23.73
C LYS E 134 -1.20 9.22 24.52
N GLU E 135 -0.98 8.11 23.82
CA GLU E 135 -0.51 6.91 24.43
C GLU E 135 0.85 7.07 25.08
N VAL E 136 1.79 7.73 24.41
CA VAL E 136 3.07 8.13 24.97
C VAL E 136 2.94 9.12 26.18
N LEU E 137 2.19 10.23 25.99
CA LEU E 137 1.91 11.20 27.09
C LEU E 137 1.42 10.52 28.38
N ARG E 138 0.47 9.60 28.27
CA ARG E 138 -0.06 8.92 29.42
C ARG E 138 0.90 7.96 30.14
N PHE E 139 2.05 7.61 29.54
CA PHE E 139 3.07 6.77 30.25
C PHE E 139 4.29 7.60 30.62
N GLY E 140 4.18 8.92 30.48
CA GLY E 140 5.24 9.82 30.90
C GLY E 140 6.30 10.18 29.90
N GLY E 141 6.17 9.76 28.63
CA GLY E 141 7.28 9.95 27.68
C GLY E 141 7.43 11.38 27.26
N ASP E 142 8.63 11.80 26.90
CA ASP E 142 8.88 13.14 26.50
C ASP E 142 8.69 13.31 24.98
N VAL E 143 7.51 13.82 24.63
CA VAL E 143 7.13 14.13 23.24
C VAL E 143 6.97 15.64 23.08
N SER E 144 7.75 16.37 23.88
CA SER E 144 7.75 17.80 23.91
C SER E 144 8.21 18.42 22.60
N ASP E 145 9.11 17.79 21.86
CA ASP E 145 9.44 18.20 20.49
C ASP E 145 8.27 18.19 19.48
N TYR E 146 7.20 17.48 19.84
CA TYR E 146 6.05 17.24 18.98
C TYR E 146 4.85 18.19 19.22
N LEU E 147 4.88 18.92 20.35
CA LEU E 147 3.78 19.82 20.70
C LEU E 147 4.21 21.29 20.65
N PRO E 148 3.31 22.20 20.19
CA PRO E 148 3.50 23.64 20.47
C PRO E 148 3.82 23.85 21.98
N PRO E 149 4.92 24.57 22.32
CA PRO E 149 5.35 24.68 23.79
C PRO E 149 4.24 25.08 24.78
N ASN E 150 3.43 26.04 24.36
CA ASN E 150 2.24 26.45 25.13
C ASN E 150 1.22 25.34 25.38
N ILE E 151 0.97 24.52 24.35
CA ILE E 151 0.10 23.32 24.51
C ILE E 151 0.72 22.29 25.46
N TYR E 152 2.01 22.05 25.31
CA TYR E 152 2.68 21.10 26.17
C TYR E 152 2.69 21.58 27.64
N HIS E 153 3.00 22.87 27.86
CA HIS E 153 2.87 23.43 29.22
C HIS E 153 1.48 23.26 29.81
N ALA E 154 0.45 23.64 29.05
CA ALA E 154 -0.90 23.59 29.52
C ALA E 154 -1.29 22.17 29.90
N LEU E 155 -0.69 21.21 29.17
CA LEU E 155 -0.96 19.79 29.33
C LEU E 155 -0.27 19.23 30.57
N LYS E 156 0.89 19.74 30.90
CA LYS E 156 1.56 19.19 32.05
C LYS E 156 0.90 19.60 33.34
N GLN E 157 -0.16 20.37 33.24
CA GLN E 157 -0.90 20.82 34.40
C GLN E 157 -2.23 20.13 34.67
N LYS E 158 -2.51 19.06 33.97
CA LYS E 158 -3.79 18.38 34.15
C LYS E 158 -3.65 16.97 34.65
N MET F 1 3.01 33.55 -0.04
CA MET F 1 3.70 33.55 -1.38
C MET F 1 2.79 33.97 -2.50
N ARG F 2 3.31 34.66 -3.54
CA ARG F 2 2.57 34.81 -4.82
C ARG F 2 1.94 33.47 -5.19
N LYS F 3 0.69 33.52 -5.68
CA LYS F 3 0.01 32.28 -6.14
C LYS F 3 0.28 31.85 -7.56
N ILE F 4 1.54 31.56 -7.86
CA ILE F 4 1.93 31.19 -9.23
C ILE F 4 2.36 29.70 -9.24
N ALA F 5 1.63 28.85 -9.97
CA ALA F 5 1.95 27.40 -9.92
C ALA F 5 2.52 26.92 -11.23
N LEU F 6 3.58 26.10 -11.13
CA LEU F 6 3.98 25.27 -12.27
C LEU F 6 3.29 23.86 -12.23
N PHE F 7 2.65 23.46 -13.33
CA PHE F 7 2.16 22.11 -13.52
C PHE F 7 3.04 21.41 -14.53
N PRO F 8 4.06 20.70 -14.06
CA PRO F 8 5.00 20.07 -14.98
C PRO F 8 4.46 18.73 -15.53
N GLY F 9 4.87 18.32 -16.72
CA GLY F 9 4.69 16.88 -17.09
C GLY F 9 5.04 16.73 -18.57
N SER F 10 4.88 15.53 -19.15
CA SER F 10 5.16 15.41 -20.59
C SER F 10 3.96 15.45 -21.51
N PHE F 11 2.77 15.30 -20.96
CA PHE F 11 1.57 15.45 -21.75
C PHE F 11 1.74 14.81 -23.15
N ASP F 12 2.19 13.55 -23.20
CA ASP F 12 2.09 12.80 -24.48
C ASP F 12 1.36 11.48 -24.31
N PRO F 13 0.03 11.51 -24.50
CA PRO F 13 -0.75 12.69 -24.73
C PRO F 13 -1.30 13.39 -23.44
N MET F 14 -1.87 14.57 -23.63
CA MET F 14 -2.62 15.19 -22.58
C MET F 14 -3.95 14.49 -22.50
N THR F 15 -4.37 14.23 -21.26
CA THR F 15 -5.59 13.50 -21.04
C THR F 15 -6.62 14.42 -20.44
N ASN F 16 -7.86 13.95 -20.39
CA ASN F 16 -8.92 14.59 -19.61
C ASN F 16 -8.67 14.64 -18.11
N GLY F 17 -7.80 13.76 -17.60
CA GLY F 17 -7.40 13.80 -16.23
C GLY F 17 -6.46 14.97 -15.92
N HIS F 18 -5.45 15.17 -16.81
CA HIS F 18 -4.63 16.41 -16.84
C HIS F 18 -5.51 17.65 -16.97
N LEU F 19 -6.35 17.71 -17.99
CA LEU F 19 -7.27 18.84 -18.09
C LEU F 19 -8.09 19.11 -16.84
N ASN F 20 -8.64 18.06 -16.20
CA ASN F 20 -9.38 18.22 -14.96
C ASN F 20 -8.48 18.80 -13.87
N LEU F 21 -7.25 18.35 -13.73
CA LEU F 21 -6.41 18.89 -12.64
C LEU F 21 -6.05 20.40 -12.88
N ILE F 22 -5.84 20.75 -14.14
CA ILE F 22 -5.63 22.10 -14.57
C ILE F 22 -6.84 22.95 -14.29
N GLU F 23 -8.04 22.47 -14.61
CA GLU F 23 -9.25 23.19 -14.27
C GLU F 23 -9.41 23.45 -12.80
N ARG F 24 -9.25 22.44 -11.95
CA ARG F 24 -9.34 22.70 -10.51
C ARG F 24 -8.17 23.60 -10.00
N SER F 25 -6.97 23.44 -10.57
CA SER F 25 -5.81 24.34 -10.30
C SER F 25 -6.06 25.84 -10.53
N ALA F 26 -6.82 26.14 -11.58
CA ALA F 26 -7.02 27.51 -12.04
C ALA F 26 -7.98 28.21 -11.09
N LYS F 27 -8.77 27.45 -10.31
CA LYS F 27 -9.66 28.00 -9.27
C LYS F 27 -8.87 28.31 -8.00
N LEU F 28 -7.72 27.65 -7.85
CA LEU F 28 -6.88 27.78 -6.65
C LEU F 28 -5.74 28.84 -6.80
N PHE F 29 -5.10 28.93 -7.95
CA PHE F 29 -3.99 29.87 -8.13
C PHE F 29 -4.40 31.09 -8.96
N ASP F 30 -3.65 32.16 -8.79
CA ASP F 30 -3.79 33.33 -9.67
C ASP F 30 -3.30 33.01 -11.04
N GLU F 31 -2.16 32.28 -11.13
CA GLU F 31 -1.63 31.88 -12.40
C GLU F 31 -1.24 30.42 -12.35
N VAL F 32 -1.46 29.69 -13.45
CA VAL F 32 -1.04 28.30 -13.59
C VAL F 32 -0.25 28.21 -14.86
N ILE F 33 1.00 27.82 -14.75
CA ILE F 33 1.76 27.66 -15.95
C ILE F 33 1.87 26.16 -16.23
N ILE F 34 1.46 25.76 -17.41
CA ILE F 34 1.65 24.38 -17.84
C ILE F 34 3.04 24.19 -18.45
N GLY F 35 3.88 23.38 -17.81
CA GLY F 35 5.25 23.23 -18.23
C GLY F 35 5.46 21.91 -18.94
N VAL F 36 5.39 21.94 -20.27
CA VAL F 36 5.63 20.76 -21.12
C VAL F 36 7.13 20.53 -21.30
N PHE F 37 7.63 19.47 -20.68
CA PHE F 37 9.02 19.06 -20.83
C PHE F 37 9.20 18.05 -22.02
N ILE F 38 10.20 18.31 -22.88
CA ILE F 38 10.34 17.62 -24.17
C ILE F 38 11.56 16.67 -24.23
N LEU F 45 7.16 12.49 -32.82
CA LEU F 45 5.87 12.24 -33.47
C LEU F 45 4.97 13.50 -33.40
N PHE F 46 4.71 13.97 -32.19
CA PHE F 46 4.20 15.33 -31.94
C PHE F 46 5.42 16.19 -31.64
N THR F 47 5.67 17.13 -32.52
CA THR F 47 6.71 18.06 -32.31
C THR F 47 6.27 18.99 -31.22
N PRO F 48 7.25 19.58 -30.58
CA PRO F 48 7.05 20.52 -29.50
C PRO F 48 6.29 21.70 -30.01
N GLU F 49 6.55 22.14 -31.21
CA GLU F 49 5.75 23.22 -31.69
C GLU F 49 4.32 22.74 -31.77
N GLU F 50 4.07 21.52 -32.20
CA GLU F 50 2.71 20.96 -32.16
C GLU F 50 2.08 20.75 -30.77
N LYS F 51 2.86 20.26 -29.84
CA LYS F 51 2.35 19.95 -28.53
C LYS F 51 1.82 21.20 -27.85
N LYS F 52 2.58 22.27 -27.93
CA LYS F 52 2.23 23.59 -27.35
C LYS F 52 0.87 24.03 -27.84
N TYR F 53 0.70 23.98 -29.15
CA TYR F 53 -0.52 24.40 -29.81
C TYR F 53 -1.77 23.64 -29.35
N LEU F 54 -1.62 22.33 -29.18
CA LEU F 54 -2.73 21.44 -28.79
C LEU F 54 -3.18 21.70 -27.33
N ILE F 55 -2.20 21.84 -26.43
CA ILE F 55 -2.48 22.21 -25.03
C ILE F 55 -3.09 23.62 -24.91
N GLU F 56 -2.47 24.62 -25.57
CA GLU F 56 -3.07 25.96 -25.72
C GLU F 56 -4.52 25.87 -26.18
N GLU F 57 -4.74 25.08 -27.21
CA GLU F 57 -6.06 24.87 -27.75
C GLU F 57 -7.01 24.20 -26.73
N ALA F 58 -6.50 23.17 -26.07
CA ALA F 58 -7.29 22.43 -25.10
C ALA F 58 -7.62 23.25 -23.85
N THR F 59 -6.75 24.20 -23.51
CA THR F 59 -6.91 25.01 -22.28
C THR F 59 -7.26 26.48 -22.55
N LYS F 60 -7.71 26.78 -23.77
CA LYS F 60 -7.98 28.14 -24.21
C LYS F 60 -9.03 28.82 -23.36
N GLU F 61 -9.95 28.04 -22.77
CA GLU F 61 -11.08 28.63 -22.04
C GLU F 61 -10.73 29.18 -20.64
N MET F 62 -9.47 29.06 -20.24
CA MET F 62 -9.07 29.46 -18.88
C MET F 62 -8.05 30.62 -18.93
N PRO F 63 -8.52 31.84 -18.65
CA PRO F 63 -7.70 33.03 -18.87
C PRO F 63 -6.42 33.04 -18.00
N ASN F 64 -6.45 32.38 -16.84
CA ASN F 64 -5.30 32.37 -15.94
C ASN F 64 -4.32 31.18 -16.13
N VAL F 65 -4.40 30.52 -17.29
CA VAL F 65 -3.53 29.40 -17.57
C VAL F 65 -2.68 29.66 -18.82
N ARG F 66 -1.38 29.38 -18.77
CA ARG F 66 -0.62 29.47 -20.00
C ARG F 66 0.35 28.33 -20.16
N VAL F 67 0.86 28.15 -21.38
CA VAL F 67 1.70 26.99 -21.71
C VAL F 67 3.12 27.44 -22.04
N ILE F 68 4.14 26.79 -21.49
CA ILE F 68 5.53 27.01 -21.89
C ILE F 68 6.21 25.67 -22.11
N MET F 69 7.00 25.53 -23.16
CA MET F 69 7.76 24.28 -23.37
C MET F 69 9.04 24.49 -22.66
N GLN F 70 9.46 23.48 -21.93
CA GLN F 70 10.72 23.53 -21.25
C GLN F 70 11.56 22.44 -21.86
N GLU F 71 12.79 22.83 -22.19
CA GLU F 71 13.89 21.90 -22.44
C GLU F 71 14.02 21.25 -21.08
N THR F 72 14.33 19.95 -21.05
CA THR F 72 14.29 19.24 -19.79
C THR F 72 15.43 19.73 -18.89
N GLN F 73 15.12 19.87 -17.61
CA GLN F 73 16.00 20.42 -16.60
C GLN F 73 15.33 20.06 -15.28
N LEU F 74 15.95 20.45 -14.17
CA LEU F 74 15.31 20.35 -12.86
C LEU F 74 14.01 21.18 -12.86
N THR F 75 12.92 20.54 -12.41
CA THR F 75 11.63 21.23 -12.33
C THR F 75 11.73 22.41 -11.40
N VAL F 76 12.40 22.27 -10.25
CA VAL F 76 12.56 23.44 -9.36
C VAL F 76 13.21 24.68 -10.05
N GLU F 77 14.22 24.42 -10.92
CA GLU F 77 14.86 25.47 -11.74
C GLU F 77 13.96 26.08 -12.77
N SER F 78 13.15 25.29 -13.45
CA SER F 78 12.16 25.89 -14.31
C SER F 78 11.17 26.74 -13.51
N ALA F 79 10.87 26.35 -12.27
CA ALA F 79 9.82 27.01 -11.50
C ALA F 79 10.45 28.34 -11.04
N LYS F 80 11.65 28.25 -10.47
CA LYS F 80 12.46 29.46 -10.19
C LYS F 80 12.46 30.45 -11.32
N SER F 81 12.89 30.06 -12.52
CA SER F 81 12.90 30.98 -13.69
C SER F 81 11.58 31.62 -14.01
N LEU F 82 10.49 30.91 -13.75
CA LEU F 82 9.19 31.46 -14.16
C LEU F 82 8.57 32.26 -13.03
N GLY F 83 9.23 32.32 -11.90
CA GLY F 83 8.63 32.94 -10.74
C GLY F 83 7.44 32.19 -10.06
N ALA F 84 7.36 30.83 -10.26
CA ALA F 84 6.35 30.00 -9.62
C ALA F 84 6.85 29.65 -8.26
N ASN F 85 6.05 29.85 -7.24
CA ASN F 85 6.41 29.28 -5.96
C ASN F 85 5.65 28.00 -5.62
N PHE F 86 4.74 27.59 -6.48
CA PHE F 86 4.01 26.29 -6.25
C PHE F 86 4.26 25.32 -7.37
N LEU F 87 4.50 24.06 -7.03
CA LEU F 87 4.31 22.95 -7.98
C LEU F 87 2.96 22.24 -7.69
N ILE F 88 2.07 22.05 -8.67
CA ILE F 88 0.91 21.24 -8.45
C ILE F 88 1.09 19.87 -9.14
N ARG F 89 0.75 18.83 -8.38
CA ARG F 89 0.74 17.43 -8.88
C ARG F 89 -0.61 16.72 -8.60
N GLY F 90 -0.81 15.57 -9.27
CA GLY F 90 -2.03 14.81 -9.09
C GLY F 90 -1.53 13.54 -8.50
N ILE F 91 -2.37 12.92 -7.68
CA ILE F 91 -2.10 11.56 -7.14
C ILE F 91 -3.28 10.66 -7.53
N ARG F 92 -3.03 9.58 -8.26
CA ARG F 92 -4.15 8.73 -8.66
C ARG F 92 -4.22 7.36 -7.95
N ASN F 93 -3.14 6.90 -7.27
CA ASN F 93 -3.18 5.64 -6.54
C ASN F 93 -2.01 5.58 -5.54
N VAL F 94 -1.84 4.44 -4.84
CA VAL F 94 -0.80 4.31 -3.85
C VAL F 94 0.58 4.36 -4.45
N LYS F 95 0.76 3.69 -5.56
CA LYS F 95 2.02 3.79 -6.33
C LYS F 95 2.39 5.20 -6.72
N ASP F 96 1.42 5.91 -7.23
CA ASP F 96 1.54 7.33 -7.67
C ASP F 96 1.81 8.27 -6.49
N TYR F 97 1.15 8.00 -5.35
CA TYR F 97 1.44 8.72 -4.13
C TYR F 97 2.95 8.58 -3.68
N GLU F 98 3.49 7.33 -3.63
CA GLU F 98 4.83 7.10 -3.10
C GLU F 98 5.87 7.66 -4.03
N TYR F 99 5.61 7.59 -5.32
CA TYR F 99 6.41 8.20 -6.36
C TYR F 99 6.43 9.74 -6.27
N GLU F 100 5.25 10.39 -6.21
CA GLU F 100 5.20 11.84 -6.07
C GLU F 100 5.78 12.33 -4.75
N LYS F 101 5.61 11.55 -3.69
CA LYS F 101 6.16 11.94 -2.39
C LYS F 101 7.68 12.06 -2.44
N ASP F 102 8.33 11.08 -3.08
CA ASP F 102 9.78 11.10 -3.28
C ASP F 102 10.22 12.29 -4.10
N ILE F 103 9.56 12.53 -5.24
CA ILE F 103 9.84 13.72 -6.06
C ILE F 103 9.65 14.94 -5.18
N ALA F 104 8.53 15.03 -4.47
CA ALA F 104 8.28 16.18 -3.59
C ALA F 104 9.33 16.46 -2.52
N LYS F 105 9.73 15.43 -1.79
CA LYS F 105 10.78 15.52 -0.80
C LYS F 105 12.18 15.89 -1.39
N MET F 106 12.51 15.32 -2.54
CA MET F 106 13.69 15.77 -3.25
C MET F 106 13.57 17.26 -3.68
N ASN F 107 12.50 17.65 -4.34
CA ASN F 107 12.31 19.06 -4.70
C ASN F 107 12.36 20.06 -3.54
N GLN F 108 12.02 19.61 -2.34
CA GLN F 108 12.00 20.45 -1.16
C GLN F 108 13.44 20.55 -0.68
N HIS F 109 14.23 19.52 -0.93
CA HIS F 109 15.61 19.59 -0.55
C HIS F 109 16.32 20.62 -1.47
N LEU F 110 15.98 20.62 -2.75
CA LEU F 110 16.58 21.48 -3.75
C LEU F 110 16.12 22.96 -3.75
N ALA F 111 14.89 23.19 -3.33
CA ALA F 111 14.31 24.50 -3.36
C ALA F 111 13.23 24.50 -2.28
N PRO F 112 13.64 24.56 -0.98
CA PRO F 112 12.66 24.45 0.13
C PRO F 112 11.64 25.57 0.17
N GLU F 113 11.76 26.55 -0.73
CA GLU F 113 10.88 27.70 -0.69
C GLU F 113 9.70 27.53 -1.68
N ILE F 114 9.83 26.55 -2.57
CA ILE F 114 8.75 26.08 -3.40
C ILE F 114 7.89 24.98 -2.66
N GLU F 115 6.59 25.22 -2.57
CA GLU F 115 5.69 24.18 -2.05
C GLU F 115 5.10 23.28 -3.12
N THR F 116 5.08 21.97 -2.86
CA THR F 116 4.28 21.03 -3.71
C THR F 116 2.91 20.85 -3.15
N VAL F 117 1.93 21.11 -3.99
CA VAL F 117 0.52 21.00 -3.61
C VAL F 117 -0.08 19.82 -4.40
N PHE F 118 -0.89 19.01 -3.73
CA PHE F 118 -1.53 17.82 -4.38
C PHE F 118 -3.01 17.81 -4.56
N LEU F 119 -3.44 17.39 -5.72
CA LEU F 119 -4.86 17.18 -5.99
C LEU F 119 -5.01 15.68 -6.27
N LEU F 120 -6.03 15.04 -5.68
CA LEU F 120 -6.44 13.66 -6.14
C LEU F 120 -7.10 13.60 -7.51
N ALA F 121 -6.68 12.65 -8.32
CA ALA F 121 -7.40 12.32 -9.54
C ALA F 121 -8.92 12.16 -9.32
N GLU F 122 -9.72 12.69 -10.23
CA GLU F 122 -11.16 12.50 -10.22
C GLU F 122 -11.31 11.05 -10.75
N GLU F 123 -12.24 10.31 -10.15
CA GLU F 123 -12.19 8.82 -10.24
C GLU F 123 -12.45 8.14 -11.62
N PRO F 124 -13.17 8.82 -12.56
CA PRO F 124 -13.18 8.46 -14.00
C PRO F 124 -11.81 8.40 -14.69
N TYR F 125 -10.82 9.16 -14.21
CA TYR F 125 -9.46 9.11 -14.74
C TYR F 125 -8.44 8.51 -13.76
N ALA F 126 -8.88 7.96 -12.65
CA ALA F 126 -7.90 7.40 -11.66
C ALA F 126 -7.11 6.24 -12.24
N HIS F 127 -7.65 5.56 -13.25
CA HIS F 127 -6.92 4.41 -13.89
C HIS F 127 -6.09 4.77 -15.15
N VAL F 128 -6.08 6.04 -15.52
CA VAL F 128 -5.54 6.40 -16.81
C VAL F 128 -4.07 6.83 -16.60
N SER F 129 -3.14 6.23 -17.35
CA SER F 129 -1.73 6.66 -17.41
C SER F 129 -1.37 6.62 -18.88
N SER F 130 -0.45 7.48 -19.35
CA SER F 130 -0.06 7.40 -20.77
C SER F 130 0.51 6.03 -21.09
N SER F 131 1.24 5.43 -20.17
CA SER F 131 1.76 4.12 -20.46
C SER F 131 0.63 3.21 -20.99
N LEU F 132 -0.47 3.08 -20.19
CA LEU F 132 -1.66 2.26 -20.52
C LEU F 132 -2.43 2.74 -21.76
N LEU F 133 -2.59 4.05 -21.84
CA LEU F 133 -3.33 4.70 -22.91
C LEU F 133 -2.68 4.44 -24.27
N LYS F 134 -1.35 4.61 -24.30
CA LYS F 134 -0.57 4.38 -25.51
C LYS F 134 -0.57 2.95 -25.99
N GLU F 135 -0.48 2.00 -25.08
CA GLU F 135 -0.72 0.59 -25.35
C GLU F 135 -2.09 0.32 -26.01
N VAL F 136 -3.13 0.92 -25.46
CA VAL F 136 -4.44 0.73 -25.97
C VAL F 136 -4.63 1.40 -27.35
N LEU F 137 -4.06 2.60 -27.52
CA LEU F 137 -4.15 3.33 -28.80
C LEU F 137 -3.52 2.61 -29.96
N ARG F 138 -2.34 2.06 -29.70
CA ARG F 138 -1.54 1.40 -30.68
C ARG F 138 -2.15 0.06 -31.17
N PHE F 139 -2.99 -0.57 -30.32
CA PHE F 139 -3.85 -1.66 -30.76
C PHE F 139 -5.20 -1.14 -31.23
N GLY F 140 -5.35 0.16 -31.45
CA GLY F 140 -6.61 0.68 -31.96
C GLY F 140 -7.85 0.60 -31.10
N GLY F 141 -7.71 0.48 -29.78
CA GLY F 141 -8.86 0.61 -28.87
C GLY F 141 -9.36 2.03 -28.74
N ASP F 142 -10.68 2.19 -28.60
CA ASP F 142 -11.31 3.48 -28.44
C ASP F 142 -11.19 4.08 -27.02
N VAL F 143 -10.24 5.03 -26.91
CA VAL F 143 -9.90 5.79 -25.69
C VAL F 143 -10.20 7.27 -25.88
N SER F 144 -10.95 7.55 -26.94
CA SER F 144 -11.49 8.85 -27.21
C SER F 144 -12.12 9.55 -26.02
N ASP F 145 -12.80 8.84 -25.12
CA ASP F 145 -13.38 9.53 -23.94
C ASP F 145 -12.36 10.09 -22.93
N TYR F 146 -11.13 9.60 -23.02
CA TYR F 146 -10.06 9.97 -22.09
C TYR F 146 -9.19 11.13 -22.61
N LEU F 147 -9.54 11.65 -23.81
CA LEU F 147 -8.68 12.60 -24.51
C LEU F 147 -9.51 13.81 -24.92
N PRO F 148 -8.92 15.04 -24.78
CA PRO F 148 -9.66 16.20 -25.24
C PRO F 148 -9.81 16.04 -26.77
N PRO F 149 -10.98 16.40 -27.33
CA PRO F 149 -11.26 16.18 -28.78
C PRO F 149 -10.18 16.68 -29.73
N ASN F 150 -9.74 17.93 -29.58
CA ASN F 150 -8.61 18.44 -30.35
C ASN F 150 -7.38 17.52 -30.35
N ILE F 151 -6.96 17.01 -29.18
CA ILE F 151 -5.83 16.07 -29.08
C ILE F 151 -6.14 14.75 -29.77
N TYR F 152 -7.39 14.33 -29.73
CA TYR F 152 -7.77 13.04 -30.30
C TYR F 152 -7.76 13.14 -31.82
N HIS F 153 -8.49 14.14 -32.32
CA HIS F 153 -8.58 14.40 -33.75
C HIS F 153 -7.21 14.59 -34.37
N ALA F 154 -6.23 15.02 -33.58
CA ALA F 154 -4.86 15.15 -34.07
C ALA F 154 -4.04 13.87 -33.94
N LEU F 155 -4.52 12.92 -33.17
CA LEU F 155 -3.72 11.72 -32.95
C LEU F 155 -3.91 10.75 -34.10
N LYS F 156 -5.07 10.90 -34.75
CA LYS F 156 -5.52 10.00 -35.82
C LYS F 156 -4.58 10.01 -37.04
N GLN F 157 -4.20 11.20 -37.51
CA GLN F 157 -3.22 11.34 -38.61
C GLN F 157 -1.79 11.00 -38.18
N LYS F 158 -1.60 9.79 -37.66
CA LYS F 158 -0.26 9.27 -37.34
C LYS F 158 -0.10 7.84 -37.89
#